data_6YOM
#
_entry.id   6YOM
#
_cell.length_a   105.298
_cell.length_b   105.298
_cell.length_c   195.629
_cell.angle_alpha   90.000
_cell.angle_beta   90.000
_cell.angle_gamma   90.000
#
_symmetry.space_group_name_H-M   'P 43 21 2'
#
loop_
_entity.id
_entity.type
_entity.pdbx_description
1 polymer 'Deoxynucleoside triphosphate triphosphohydrolase SAMHD1'
2 non-polymer 'FE (III) ION'
3 non-polymer 'MANGANESE (II) ION'
4 non-polymer 'MAGNESIUM ION'
5 non-polymer "2'-deoxy-5'-O-[(R)-hydroxy{[(R)-hydroxy(phosphonooxy)phosphoryl]amino}phosphoryl]cytidine"
6 non-polymer '[[(2~{R},3~{S},4~{R},5~{R})-5-[2,6-bis(oxidanylidene)-3~{H}-purin-9-yl]-3,4-bis(oxidanyl)oxolan-2-yl]methoxy-oxidanyl-phosphoryl] phosphono hydrogen phosphate'
7 non-polymer "2'-DEOXYADENOSINE 5'-TRIPHOSPHATE"
#
_entity_poly.entity_id   1
_entity_poly.type   'polypeptide(L)'
_entity_poly.pdbx_seq_one_letter_code
;GSQIHVDTMKVINDPIHGHIELHPLLVRIINTPQFQRLRYIKQLGGGYYVFPGASHNRFEHSLGVGYLAGCLVHALGEKQ
PELQISERDVLCVQIAGLCHDLGHGPFSHMFDGRFIPLARPEVKWTHEQGSVMMFEHLINSNGIKPVMEQYGLIPEEDIC
FIKEQIVGPLESPVEDSLWPYKGRPENKSFLYEIVSNKRNGIDVDKWDYFARDCHHLGIQNNFDYKRFIKFARVCEVDNE
LRICARDKEVGNLYDMFHTRNSLHRRAYQHKVGNIIDTMITDAFLKADDYIEITGAGGKKYRISTAIDDMEAYTKLTDNI
FLEILYSTDPKLKDAREILKQIEYRNLFKYVGETQPTGQIKIKREDYESLPKEVASAKPKVLLDVKLKAEDFIVDVINMD
YGMQEKNPIDHVSFYCKTAPNRAIRITKNQVSQLLPEKFAEQLIRVYCKKVDRKSLYAARQYFVQWCADRNFTKPQDGDV
IAPLITPQKKEWNDSTSVQNPTRLREASKSRVQLFKDDPM
;
_entity_poly.pdbx_strand_id   A,B
#
loop_
_chem_comp.id
_chem_comp.type
_chem_comp.name
_chem_comp.formula
0KX non-polymer 2'-deoxy-5'-O-[(R)-hydroxy{[(R)-hydroxy(phosphonooxy)phosphoryl]amino}phosphoryl]cytidine 'C9 H17 N4 O12 P3'
CZF non-polymer '[[(2~{R},3~{S},4~{R},5~{R})-5-[2,6-bis(oxidanylidene)-3~{H}-purin-9-yl]-3,4-bis(oxidanyl)oxolan-2-yl]methoxy-oxidanyl-phosphoryl] phosphono hydrogen phosphate' 'C10 H15 N4 O15 P3'
DTP non-polymer '2'-DEOXYADENOSINE 5'-TRIPHOSPHATE' 'C10 H16 N5 O12 P3'
FE non-polymer 'FE (III) ION' 'Fe 3'
MG non-polymer 'MAGNESIUM ION' 'Mg 2'
MN non-polymer 'MANGANESE (II) ION' 'Mn 2'
#
# COMPACT_ATOMS: atom_id res chain seq x y z
N THR A 8 -18.63 10.46 21.46
CA THR A 8 -17.19 10.34 21.88
C THR A 8 -16.22 10.30 20.66
N MET A 9 -14.98 10.75 20.87
CA MET A 9 -13.89 10.70 19.83
C MET A 9 -13.43 9.30 19.45
N LYS A 10 -12.69 9.20 18.37
CA LYS A 10 -12.21 7.92 17.89
C LYS A 10 -10.83 8.12 17.32
N VAL A 11 -9.88 7.34 17.79
CA VAL A 11 -8.52 7.53 17.47
C VAL A 11 -8.14 6.51 16.41
N ILE A 12 -7.26 6.94 15.51
CA ILE A 12 -6.78 6.11 14.44
C ILE A 12 -5.30 6.41 14.16
N ASN A 13 -4.48 5.39 13.92
CA ASN A 13 -3.03 5.53 13.78
C ASN A 13 -2.70 5.51 12.31
N ASP A 14 -2.59 6.73 11.80
CA ASP A 14 -1.93 7.00 10.54
C ASP A 14 -0.43 7.14 10.75
N PRO A 15 0.40 6.40 9.99
CA PRO A 15 1.83 6.47 10.20
C PRO A 15 2.47 7.80 9.87
N ILE A 16 1.83 8.64 9.07
CA ILE A 16 2.36 10.00 8.80
C ILE A 16 2.05 11.00 9.92
N HIS A 17 0.81 11.07 10.42
CA HIS A 17 0.38 12.12 11.34
C HIS A 17 0.19 11.65 12.76
N GLY A 18 0.34 10.35 12.98
CA GLY A 18 0.17 9.74 14.29
C GLY A 18 -1.25 9.39 14.63
N HIS A 19 -1.57 9.39 15.91
CA HIS A 19 -2.91 9.09 16.38
C HIS A 19 -3.73 10.34 16.13
N ILE A 20 -4.86 10.21 15.44
CA ILE A 20 -5.72 11.37 15.11
C ILE A 20 -7.16 11.12 15.57
N GLU A 21 -7.74 12.06 16.31
CA GLU A 21 -9.10 11.95 16.83
C GLU A 21 -10.10 12.33 15.76
N LEU A 22 -11.06 11.45 15.52
CA LEU A 22 -12.14 11.69 14.60
C LEU A 22 -13.44 11.97 15.29
N HIS A 23 -14.04 13.10 14.95
CA HIS A 23 -15.37 13.46 15.47
C HIS A 23 -16.43 12.45 14.96
N PRO A 24 -17.42 12.13 15.79
CA PRO A 24 -18.28 11.01 15.42
C PRO A 24 -19.03 11.19 14.10
N LEU A 25 -19.35 12.43 13.75
CA LEU A 25 -19.86 12.77 12.42
C LEU A 25 -18.90 12.34 11.29
N LEU A 26 -17.61 12.65 11.43
CA LEU A 26 -16.62 12.26 10.44
C LEU A 26 -16.56 10.75 10.31
N VAL A 27 -16.74 10.04 11.43
CA VAL A 27 -16.75 8.57 11.40
C VAL A 27 -17.95 8.02 10.63
N ARG A 28 -19.08 8.68 10.80
CA ARG A 28 -20.29 8.31 10.07
C ARG A 28 -20.11 8.47 8.58
N ILE A 29 -19.49 9.57 8.19
CA ILE A 29 -19.15 9.81 6.78
C ILE A 29 -18.18 8.76 6.27
N ILE A 30 -17.18 8.40 7.07
CA ILE A 30 -16.17 7.45 6.65
C ILE A 30 -16.69 6.06 6.42
N ASN A 31 -17.61 5.62 7.26
CA ASN A 31 -18.03 4.23 7.21
C ASN A 31 -19.20 4.02 6.28
N THR A 32 -18.96 4.31 5.01
CA THR A 32 -19.96 4.26 3.96
C THR A 32 -19.28 3.66 2.75
N PRO A 33 -20.05 2.98 1.85
CA PRO A 33 -19.47 2.45 0.60
C PRO A 33 -18.71 3.50 -0.23
N GLN A 34 -19.19 4.74 -0.24
CA GLN A 34 -18.63 5.80 -1.10
C GLN A 34 -17.19 6.19 -0.71
N PHE A 35 -16.97 6.22 0.62
CA PHE A 35 -15.68 6.56 1.17
C PHE A 35 -14.77 5.34 1.21
N GLN A 36 -15.26 4.19 1.68
CA GLN A 36 -14.39 3.00 1.77
C GLN A 36 -13.90 2.56 0.38
N ARG A 37 -14.60 2.96 -0.65
CA ARG A 37 -14.12 2.91 -2.03
C ARG A 37 -12.70 3.41 -2.24
N LEU A 38 -12.27 4.41 -1.47
CA LEU A 38 -10.94 4.95 -1.64
C LEU A 38 -9.84 3.99 -1.15
N ARG A 39 -10.21 2.93 -0.44
CA ARG A 39 -9.25 1.86 -0.10
C ARG A 39 -8.75 1.08 -1.28
N TYR A 40 -9.50 1.16 -2.38
CA TYR A 40 -9.24 0.34 -3.55
C TYR A 40 -8.79 1.19 -4.73
N ILE A 41 -8.24 2.39 -4.47
CA ILE A 41 -7.71 3.26 -5.52
C ILE A 41 -6.32 3.77 -5.16
N LYS A 42 -5.31 3.48 -5.96
CA LYS A 42 -4.00 3.85 -5.52
C LYS A 42 -3.75 5.30 -5.80
N GLN A 43 -3.11 5.94 -4.83
CA GLN A 43 -2.72 7.33 -4.91
C GLN A 43 -1.90 7.60 -6.18
N LEU A 44 -0.77 6.93 -6.35
CA LEU A 44 0.10 7.18 -7.51
C LEU A 44 -0.12 6.22 -8.64
N GLY A 45 -1.15 5.38 -8.57
CA GLY A 45 -1.51 4.60 -9.73
C GLY A 45 -0.35 3.79 -10.36
N GLY A 46 -0.01 4.08 -11.63
CA GLY A 46 1.13 3.47 -12.30
C GLY A 46 2.46 3.50 -11.57
N GLY A 47 2.66 4.50 -10.70
CA GLY A 47 3.83 4.60 -9.82
C GLY A 47 4.21 3.35 -9.05
N TYR A 48 3.21 2.60 -8.59
CA TYR A 48 3.43 1.33 -7.89
C TYR A 48 4.26 0.37 -8.70
N TYR A 49 4.14 0.40 -10.04
CA TYR A 49 4.89 -0.52 -10.94
C TYR A 49 6.31 -0.03 -11.26
N VAL A 50 6.73 1.06 -10.61
CA VAL A 50 8.10 1.59 -10.64
C VAL A 50 8.69 1.77 -9.23
N PHE A 51 7.92 2.45 -8.37
CA PHE A 51 8.25 2.56 -6.95
C PHE A 51 7.44 1.56 -6.16
N PRO A 52 8.02 0.36 -5.91
CA PRO A 52 7.27 -0.70 -5.24
C PRO A 52 6.81 -0.37 -3.80
N GLY A 53 7.32 0.71 -3.21
CA GLY A 53 6.82 1.18 -1.94
C GLY A 53 5.43 1.83 -1.94
N ALA A 54 4.94 2.21 -3.14
CA ALA A 54 3.80 3.11 -3.34
C ALA A 54 2.41 2.45 -3.47
N SER A 55 2.22 1.52 -2.55
CA SER A 55 1.01 0.78 -2.33
C SER A 55 -0.10 1.64 -1.75
N HIS A 56 0.24 2.79 -1.19
CA HIS A 56 -0.78 3.59 -0.54
C HIS A 56 -1.89 3.98 -1.45
N ASN A 57 -3.06 4.08 -0.83
CA ASN A 57 -4.33 4.45 -1.46
C ASN A 57 -4.88 5.82 -1.00
N ARG A 58 -5.85 6.33 -1.74
CA ARG A 58 -6.46 7.62 -1.47
C ARG A 58 -7.20 7.65 -0.13
N PHE A 59 -7.62 6.49 0.37
CA PHE A 59 -8.28 6.40 1.68
C PHE A 59 -7.43 7.11 2.76
N GLU A 60 -6.18 6.68 2.90
CA GLU A 60 -5.34 7.22 3.94
C GLU A 60 -4.86 8.65 3.67
N HIS A 61 -4.65 9.02 2.41
CA HIS A 61 -4.45 10.45 2.02
C HIS A 61 -5.65 11.28 2.44
N SER A 62 -6.85 10.78 2.11
CA SER A 62 -8.10 11.46 2.45
C SER A 62 -8.24 11.72 3.95
N LEU A 63 -7.77 10.80 4.81
CA LEU A 63 -7.79 11.03 6.28
C LEU A 63 -6.79 12.10 6.76
N GLY A 64 -5.58 12.06 6.23
CA GLY A 64 -4.57 13.05 6.56
C GLY A 64 -5.05 14.44 6.17
N VAL A 65 -5.63 14.56 4.98
CA VAL A 65 -6.05 15.86 4.50
C VAL A 65 -7.12 16.43 5.41
N GLY A 66 -8.07 15.62 5.79
CA GLY A 66 -9.03 16.02 6.85
C GLY A 66 -8.33 16.42 8.14
N TYR A 67 -7.39 15.60 8.60
CA TYR A 67 -6.69 15.88 9.84
C TYR A 67 -6.00 17.23 9.77
N LEU A 68 -5.28 17.45 8.70
CA LEU A 68 -4.57 18.72 8.54
C LEU A 68 -5.52 19.91 8.31
N ALA A 69 -6.69 19.66 7.72
CA ALA A 69 -7.63 20.75 7.54
C ALA A 69 -8.09 21.27 8.93
N GLY A 70 -8.36 20.33 9.83
CA GLY A 70 -8.65 20.66 11.21
C GLY A 70 -7.49 21.33 11.92
N CYS A 71 -6.27 20.82 11.77
CA CYS A 71 -5.11 21.39 12.47
C CYS A 71 -5.03 22.89 12.25
N LEU A 72 -5.02 23.25 10.98
CA LEU A 72 -4.88 24.63 10.61
C LEU A 72 -6.07 25.47 11.06
N VAL A 73 -7.28 25.00 10.88
CA VAL A 73 -8.40 25.84 11.28
C VAL A 73 -8.52 25.98 12.83
N HIS A 74 -8.15 24.95 13.62
CA HIS A 74 -8.09 25.08 15.11
C HIS A 74 -7.00 26.08 15.46
N ALA A 75 -5.92 26.05 14.70
CA ALA A 75 -4.77 26.87 15.00
C ALA A 75 -5.03 28.32 14.82
N LEU A 76 -5.74 28.67 13.76
CA LEU A 76 -6.10 30.05 13.52
C LEU A 76 -7.03 30.53 14.58
N GLY A 77 -8.08 29.75 14.86
CA GLY A 77 -8.97 29.91 16.01
C GLY A 77 -8.28 30.26 17.31
N GLU A 78 -7.39 29.37 17.77
CA GLU A 78 -6.63 29.61 19.00
C GLU A 78 -5.88 30.97 18.88
N LYS A 79 -4.83 31.03 18.05
CA LYS A 79 -4.08 32.28 17.83
C LYS A 79 -4.98 33.55 17.69
N GLN A 80 -6.17 33.48 17.05
CA GLN A 80 -7.02 34.68 16.73
C GLN A 80 -8.53 34.46 16.97
N PRO A 81 -8.98 34.64 18.24
CA PRO A 81 -10.39 34.52 18.62
C PRO A 81 -11.31 35.49 17.93
N GLU A 82 -10.77 36.64 17.57
CA GLU A 82 -11.53 37.63 16.80
C GLU A 82 -12.09 37.11 15.48
N LEU A 83 -11.64 35.97 14.99
CA LEU A 83 -12.14 35.44 13.69
C LEU A 83 -13.49 34.79 13.77
N GLN A 84 -13.96 34.45 14.98
CA GLN A 84 -15.28 33.85 15.13
C GLN A 84 -15.32 32.49 14.45
N ILE A 85 -14.24 31.70 14.49
CA ILE A 85 -14.32 30.35 13.93
C ILE A 85 -15.10 29.45 14.89
N SER A 86 -16.21 28.87 14.43
CA SER A 86 -17.08 28.05 15.26
C SER A 86 -16.76 26.58 15.11
N GLU A 87 -17.28 25.72 16.03
CA GLU A 87 -17.20 24.25 15.86
C GLU A 87 -17.96 23.82 14.59
N ARG A 88 -19.02 24.57 14.22
CA ARG A 88 -19.70 24.41 12.94
C ARG A 88 -18.74 24.57 11.75
N ASP A 89 -18.04 25.70 11.73
CA ASP A 89 -17.01 25.97 10.69
C ASP A 89 -15.92 24.90 10.68
N VAL A 90 -15.35 24.54 11.83
CA VAL A 90 -14.27 23.55 11.88
C VAL A 90 -14.70 22.22 11.28
N LEU A 91 -15.86 21.74 11.69
CA LEU A 91 -16.38 20.52 11.11
C LEU A 91 -16.50 20.58 9.61
N CYS A 92 -17.01 21.69 9.08
CA CYS A 92 -17.21 21.78 7.64
C CYS A 92 -15.91 21.72 6.88
N VAL A 93 -14.85 22.30 7.40
CA VAL A 93 -13.54 22.24 6.77
C VAL A 93 -12.99 20.83 6.85
N GLN A 94 -13.01 20.23 8.04
CA GLN A 94 -12.62 18.81 8.20
C GLN A 94 -13.31 17.91 7.19
N ILE A 95 -14.62 18.11 7.00
CA ILE A 95 -15.42 17.26 6.09
C ILE A 95 -15.00 17.49 4.65
N ALA A 96 -14.68 18.73 4.30
CA ALA A 96 -14.20 19.04 2.95
C ALA A 96 -12.91 18.30 2.77
N GLY A 97 -11.99 18.43 3.72
CA GLY A 97 -10.72 17.70 3.68
C GLY A 97 -10.88 16.20 3.42
N LEU A 98 -11.82 15.59 4.12
CA LEU A 98 -12.05 14.17 4.04
C LEU A 98 -12.57 13.79 2.66
N CYS A 99 -13.55 14.55 2.20
CA CYS A 99 -14.26 14.24 0.97
C CYS A 99 -13.68 14.86 -0.31
N HIS A 100 -12.56 15.55 -0.23
CA HIS A 100 -12.06 16.33 -1.34
C HIS A 100 -11.54 15.43 -2.47
N ASP A 101 -11.13 14.19 -2.14
CA ASP A 101 -10.68 13.30 -3.22
C ASP A 101 -11.63 12.15 -3.49
N LEU A 102 -12.79 12.16 -2.85
CA LEU A 102 -13.84 11.18 -3.12
C LEU A 102 -14.09 10.76 -4.56
N GLY A 103 -13.82 11.68 -5.49
CA GLY A 103 -14.09 11.46 -6.91
C GLY A 103 -12.95 10.98 -7.78
N HIS A 104 -11.78 10.64 -7.22
CA HIS A 104 -10.71 10.04 -8.02
C HIS A 104 -11.16 8.71 -8.57
N GLY A 105 -10.88 8.50 -9.86
CA GLY A 105 -11.18 7.23 -10.49
C GLY A 105 -10.09 6.22 -10.29
N PRO A 106 -10.23 5.05 -10.91
CA PRO A 106 -9.16 4.06 -10.98
C PRO A 106 -7.81 4.65 -11.31
N PHE A 107 -6.79 4.28 -10.55
CA PHE A 107 -5.42 4.81 -10.70
C PHE A 107 -5.39 6.33 -10.60
N SER A 108 -6.30 6.89 -9.81
CA SER A 108 -6.34 8.31 -9.56
C SER A 108 -6.25 9.18 -10.82
N HIS A 109 -5.03 9.71 -11.08
CA HIS A 109 -4.86 10.78 -12.04
C HIS A 109 -4.85 10.24 -13.45
N MET A 110 -4.63 8.96 -13.60
CA MET A 110 -4.56 8.36 -14.90
C MET A 110 -5.95 8.45 -15.48
N PHE A 111 -6.97 8.38 -14.62
CA PHE A 111 -8.36 8.29 -15.05
C PHE A 111 -8.85 9.61 -15.58
N ASP A 112 -8.74 10.64 -14.77
CA ASP A 112 -9.26 11.97 -15.13
C ASP A 112 -8.31 12.67 -16.08
N GLY A 113 -7.03 12.27 -16.04
CA GLY A 113 -5.98 12.89 -16.83
C GLY A 113 -5.65 12.29 -18.20
N ARG A 114 -5.82 10.98 -18.35
CA ARG A 114 -5.58 10.32 -19.63
C ARG A 114 -6.81 9.65 -20.18
N PHE A 115 -7.48 8.84 -19.36
CA PHE A 115 -8.55 8.00 -19.87
C PHE A 115 -9.76 8.79 -20.36
N ILE A 116 -10.43 9.48 -19.45
CA ILE A 116 -11.66 10.19 -19.78
C ILE A 116 -11.47 11.17 -20.95
N PRO A 117 -10.34 11.87 -20.99
CA PRO A 117 -10.09 12.76 -22.13
C PRO A 117 -10.05 12.04 -23.49
N LEU A 118 -9.42 10.86 -23.53
CA LEU A 118 -9.40 10.09 -24.77
C LEU A 118 -10.74 9.40 -25.02
N ALA A 119 -11.35 8.91 -23.96
CA ALA A 119 -12.56 8.08 -24.10
C ALA A 119 -13.82 8.86 -24.26
N ARG A 120 -13.87 10.07 -23.76
CA ARG A 120 -15.05 10.92 -23.97
C ARG A 120 -14.61 12.35 -24.16
N PRO A 121 -14.16 12.67 -25.39
CA PRO A 121 -13.85 14.05 -25.74
C PRO A 121 -15.02 14.99 -25.46
N GLU A 122 -16.24 14.53 -25.71
CA GLU A 122 -17.45 15.34 -25.52
C GLU A 122 -17.66 15.98 -24.13
N VAL A 123 -17.14 15.39 -23.06
CA VAL A 123 -17.27 16.00 -21.70
C VAL A 123 -15.99 16.69 -21.26
N LYS A 124 -16.11 17.58 -20.28
CA LYS A 124 -14.96 18.15 -19.54
C LYS A 124 -15.17 17.67 -18.15
N TRP A 125 -14.23 16.97 -17.55
CA TRP A 125 -14.53 16.38 -16.23
C TRP A 125 -13.26 16.10 -15.48
N THR A 126 -13.31 16.33 -14.18
CA THR A 126 -12.14 16.28 -13.31
C THR A 126 -12.48 15.64 -11.97
N HIS A 127 -11.50 15.06 -11.29
CA HIS A 127 -11.80 14.29 -10.10
C HIS A 127 -12.55 15.11 -9.03
N GLU A 128 -12.40 16.42 -9.09
CA GLU A 128 -13.14 17.30 -8.22
C GLU A 128 -14.64 17.44 -8.53
N GLN A 129 -15.00 17.57 -9.82
CA GLN A 129 -16.42 17.60 -10.24
C GLN A 129 -17.01 16.29 -9.69
N GLY A 130 -16.24 15.21 -9.80
CA GLY A 130 -16.60 13.91 -9.25
C GLY A 130 -16.66 13.86 -7.74
N SER A 131 -15.64 14.41 -7.08
CA SER A 131 -15.66 14.54 -5.61
C SER A 131 -16.93 15.21 -5.08
N VAL A 132 -17.43 16.23 -5.78
CA VAL A 132 -18.67 16.89 -5.36
C VAL A 132 -19.94 16.06 -5.58
N MET A 133 -20.03 15.35 -6.68
CA MET A 133 -21.22 14.54 -6.96
C MET A 133 -21.28 13.35 -6.03
N MET A 134 -20.12 12.72 -5.81
CA MET A 134 -20.00 11.57 -4.92
C MET A 134 -20.32 11.96 -3.48
N PHE A 135 -19.93 13.16 -3.10
CA PHE A 135 -20.34 13.73 -1.84
C PHE A 135 -21.86 13.84 -1.69
N GLU A 136 -22.60 14.38 -2.67
CA GLU A 136 -24.08 14.41 -2.59
C GLU A 136 -24.64 12.98 -2.46
N HIS A 137 -24.08 12.03 -3.20
CA HIS A 137 -24.54 10.64 -3.18
C HIS A 137 -24.36 10.02 -1.80
N LEU A 138 -23.19 10.25 -1.23
CA LEU A 138 -22.84 9.77 0.10
C LEU A 138 -23.82 10.30 1.15
N ILE A 139 -23.95 11.62 1.21
CA ILE A 139 -24.84 12.28 2.14
C ILE A 139 -26.25 11.71 2.00
N ASN A 140 -26.71 11.56 0.76
CA ASN A 140 -28.11 11.20 0.51
C ASN A 140 -28.35 9.72 0.77
N SER A 141 -27.50 8.86 0.23
CA SER A 141 -27.74 7.44 0.41
C SER A 141 -27.49 6.92 1.83
N ASN A 142 -26.89 7.70 2.73
CA ASN A 142 -26.56 7.21 4.11
C ASN A 142 -27.09 8.08 5.29
N GLY A 143 -28.21 8.77 5.10
CA GLY A 143 -28.84 9.52 6.19
C GLY A 143 -27.93 10.39 7.04
N ILE A 144 -26.91 10.96 6.41
CA ILE A 144 -26.02 11.90 7.06
C ILE A 144 -26.76 13.23 7.30
N LYS A 145 -27.67 13.62 6.39
CA LYS A 145 -28.29 14.95 6.42
C LYS A 145 -28.83 15.25 7.86
N PRO A 146 -29.58 14.28 8.49
CA PRO A 146 -29.97 14.31 9.91
C PRO A 146 -28.84 14.52 10.93
N VAL A 147 -27.77 13.74 10.78
CA VAL A 147 -26.64 13.72 11.70
C VAL A 147 -25.90 15.07 11.72
N MET A 148 -25.91 15.82 10.63
CA MET A 148 -25.28 17.14 10.57
C MET A 148 -26.06 18.12 11.45
N GLU A 149 -27.41 18.10 11.33
CA GLU A 149 -28.28 18.95 12.16
C GLU A 149 -27.95 18.63 13.61
N GLN A 150 -27.78 17.32 13.88
CA GLN A 150 -27.46 16.79 15.22
C GLN A 150 -26.23 17.43 15.84
N TYR A 151 -25.20 17.77 15.07
CA TYR A 151 -24.02 18.46 15.62
C TYR A 151 -23.97 19.95 15.29
N GLY A 152 -25.14 20.56 15.09
CA GLY A 152 -25.23 21.99 14.78
C GLY A 152 -24.77 22.45 13.40
N LEU A 153 -24.75 21.56 12.41
CA LEU A 153 -24.59 22.02 11.03
C LEU A 153 -25.98 22.33 10.45
N ILE A 154 -25.97 23.13 9.39
CA ILE A 154 -27.17 23.64 8.74
C ILE A 154 -27.00 23.28 7.26
N PRO A 155 -27.47 22.08 6.86
CA PRO A 155 -27.18 21.52 5.51
C PRO A 155 -27.33 22.46 4.27
N GLU A 156 -28.44 23.20 4.15
CA GLU A 156 -28.65 24.16 3.05
C GLU A 156 -27.39 25.03 2.95
N GLU A 157 -26.98 25.67 4.05
CA GLU A 157 -25.73 26.44 4.05
C GLU A 157 -24.48 25.52 3.88
N ASP A 158 -24.30 24.53 4.75
CA ASP A 158 -23.01 23.85 4.89
C ASP A 158 -22.61 22.86 3.79
N ILE A 159 -23.54 22.07 3.25
CA ILE A 159 -23.20 21.24 2.10
C ILE A 159 -22.73 22.11 0.91
N CYS A 160 -23.26 23.33 0.81
CA CYS A 160 -22.77 24.27 -0.20
C CYS A 160 -21.33 24.63 0.13
N PHE A 161 -21.12 25.04 1.39
CA PHE A 161 -19.81 25.49 1.84
C PHE A 161 -18.78 24.42 1.62
N ILE A 162 -19.14 23.18 1.90
CA ILE A 162 -18.27 22.02 1.64
C ILE A 162 -18.01 21.83 0.13
N LYS A 163 -19.10 21.83 -0.65
CA LYS A 163 -18.98 21.60 -2.09
C LYS A 163 -18.06 22.67 -2.67
N GLU A 164 -18.27 23.94 -2.29
CA GLU A 164 -17.46 25.08 -2.74
C GLU A 164 -15.99 25.04 -2.24
N GLN A 165 -15.70 24.52 -1.05
CA GLN A 165 -14.27 24.30 -0.65
C GLN A 165 -13.52 23.39 -1.60
N ILE A 166 -14.23 22.40 -2.14
CA ILE A 166 -13.64 21.37 -2.94
C ILE A 166 -13.36 21.85 -4.35
N VAL A 167 -14.35 22.46 -4.96
CA VAL A 167 -14.35 22.79 -6.39
C VAL A 167 -14.10 24.26 -6.69
N GLY A 168 -14.53 25.14 -5.79
CA GLY A 168 -14.72 26.54 -6.11
C GLY A 168 -16.19 26.70 -6.31
N PRO A 169 -16.60 27.82 -6.91
CA PRO A 169 -18.03 28.15 -7.04
C PRO A 169 -18.81 27.32 -8.08
N LEU A 170 -20.04 27.72 -8.43
CA LEU A 170 -21.04 26.77 -8.96
C LEU A 170 -21.93 27.27 -10.15
N TRP A 179 -17.73 38.91 -5.16
CA TRP A 179 -17.71 37.79 -4.20
C TRP A 179 -18.63 36.64 -4.62
N PRO A 180 -18.04 35.54 -5.07
CA PRO A 180 -18.80 34.44 -5.70
C PRO A 180 -19.21 33.25 -4.83
N TYR A 181 -19.37 33.42 -3.52
CA TYR A 181 -19.55 32.24 -2.64
C TYR A 181 -20.81 32.26 -1.80
N LYS A 182 -21.75 31.34 -2.05
CA LYS A 182 -23.00 31.27 -1.27
C LYS A 182 -22.72 30.71 0.15
N GLY A 183 -21.75 29.82 0.29
CA GLY A 183 -21.50 29.13 1.57
C GLY A 183 -21.05 29.92 2.82
N ARG A 184 -20.07 30.83 2.69
CA ARG A 184 -19.64 31.72 3.79
C ARG A 184 -19.32 33.16 3.28
N PRO A 185 -19.46 34.16 4.14
CA PRO A 185 -19.13 35.53 3.75
C PRO A 185 -17.66 35.89 3.44
N GLU A 186 -17.44 37.14 3.04
CA GLU A 186 -16.09 37.69 2.79
C GLU A 186 -15.26 37.73 4.07
N ASN A 187 -15.94 37.81 5.21
CA ASN A 187 -15.32 37.79 6.54
C ASN A 187 -14.84 36.41 7.01
N LYS A 188 -15.26 35.35 6.31
CA LYS A 188 -14.76 33.99 6.56
C LYS A 188 -14.18 33.38 5.27
N SER A 189 -13.58 34.24 4.44
CA SER A 189 -12.98 33.80 3.18
C SER A 189 -11.76 32.92 3.39
N PHE A 190 -10.95 33.22 4.41
CA PHE A 190 -9.77 32.40 4.75
C PHE A 190 -10.06 30.91 4.90
N LEU A 191 -11.29 30.55 5.27
CA LEU A 191 -11.67 29.13 5.29
C LEU A 191 -11.66 28.44 3.89
N TYR A 192 -11.95 29.19 2.81
CA TYR A 192 -11.85 28.65 1.46
C TYR A 192 -10.40 28.42 1.02
N GLU A 193 -9.44 29.01 1.73
CA GLU A 193 -8.00 28.77 1.47
C GLU A 193 -7.37 27.45 1.99
N ILE A 194 -8.06 26.63 2.80
CA ILE A 194 -7.41 25.48 3.51
C ILE A 194 -7.18 24.15 2.73
N VAL A 195 -8.24 23.52 2.30
CA VAL A 195 -8.25 22.24 1.57
C VAL A 195 -7.84 22.39 0.09
N SER A 196 -8.28 23.46 -0.60
CA SER A 196 -7.86 23.70 -1.99
C SER A 196 -7.82 25.17 -2.37
N ASN A 197 -6.61 25.73 -2.39
CA ASN A 197 -6.36 27.18 -2.48
C ASN A 197 -6.25 27.63 -3.96
N LYS A 198 -7.30 28.30 -4.46
CA LYS A 198 -7.27 28.85 -5.82
C LYS A 198 -6.36 30.03 -5.88
N ARG A 199 -6.35 30.88 -4.83
CA ARG A 199 -5.50 32.09 -4.83
C ARG A 199 -4.06 31.68 -5.24
N ASN A 200 -3.46 30.68 -4.61
CA ASN A 200 -2.03 30.34 -4.94
C ASN A 200 -1.58 28.90 -4.83
N GLY A 201 -2.50 28.00 -4.51
CA GLY A 201 -2.18 26.59 -4.43
C GLY A 201 -1.57 26.18 -3.12
N ILE A 202 -1.44 27.07 -2.14
CA ILE A 202 -0.84 26.65 -0.88
C ILE A 202 -1.93 26.04 -0.03
N ASP A 203 -2.12 24.73 -0.19
CA ASP A 203 -3.17 23.95 0.52
C ASP A 203 -2.58 22.79 1.33
N VAL A 204 -3.37 22.26 2.25
CA VAL A 204 -2.99 21.12 3.09
C VAL A 204 -3.09 19.80 2.34
N ASP A 205 -3.72 19.82 1.17
CA ASP A 205 -3.66 18.69 0.28
C ASP A 205 -2.17 18.38 0.03
N LYS A 206 -1.43 19.40 -0.40
CA LYS A 206 0.00 19.26 -0.71
C LYS A 206 0.75 18.77 0.47
N TRP A 207 0.43 19.32 1.61
CA TRP A 207 1.20 18.96 2.77
C TRP A 207 1.06 17.49 3.04
N ASP A 208 -0.18 16.98 3.01
CA ASP A 208 -0.36 15.56 3.22
C ASP A 208 0.32 14.71 2.18
N TYR A 209 0.13 15.03 0.88
CA TYR A 209 0.71 14.15 -0.13
C TYR A 209 2.22 14.18 -0.17
N PHE A 210 2.84 15.31 0.15
CA PHE A 210 4.31 15.37 0.19
C PHE A 210 4.86 14.37 1.19
N ALA A 211 4.29 14.41 2.39
CA ALA A 211 4.78 13.63 3.50
C ALA A 211 4.55 12.16 3.28
N ARG A 212 3.39 11.88 2.74
CA ARG A 212 2.92 10.50 2.60
C ARG A 212 3.56 9.86 1.42
N ASP A 213 3.65 10.57 0.30
CA ASP A 213 4.23 10.02 -0.92
C ASP A 213 5.71 9.80 -0.67
N CYS A 214 6.38 10.74 -0.02
CA CYS A 214 7.81 10.54 0.33
C CYS A 214 8.02 9.35 1.20
N HIS A 215 7.19 9.23 2.23
CA HIS A 215 7.24 8.08 3.14
C HIS A 215 7.27 6.76 2.38
N HIS A 216 6.35 6.63 1.44
CA HIS A 216 6.14 5.40 0.71
C HIS A 216 7.04 5.27 -0.51
N LEU A 217 7.45 6.36 -1.09
CA LEU A 217 8.35 6.30 -2.26
C LEU A 217 9.77 5.93 -1.90
N GLY A 218 10.19 6.32 -0.70
CA GLY A 218 11.58 6.23 -0.32
C GLY A 218 12.37 7.41 -0.85
N ILE A 219 11.78 8.58 -0.70
CA ILE A 219 12.45 9.85 -0.84
C ILE A 219 12.21 10.56 0.49
N GLN A 220 13.10 11.46 0.88
CA GLN A 220 12.82 12.26 2.07
C GLN A 220 12.21 13.59 1.56
N ASN A 221 11.30 14.08 2.40
CA ASN A 221 10.64 15.36 2.22
C ASN A 221 11.59 16.47 2.69
N ASN A 222 11.59 17.60 2.00
CA ASN A 222 12.33 18.76 2.51
C ASN A 222 11.43 19.84 3.07
N PHE A 223 10.10 19.63 3.11
CA PHE A 223 9.13 20.70 3.47
C PHE A 223 8.34 20.50 4.77
N ASP A 224 8.45 21.47 5.69
CA ASP A 224 7.91 21.37 7.05
C ASP A 224 6.55 22.03 7.24
N TYR A 225 5.48 21.28 7.02
CA TYR A 225 4.16 21.86 7.19
C TYR A 225 3.88 22.35 8.63
N LYS A 226 4.38 21.61 9.62
CA LYS A 226 4.16 22.00 10.99
C LYS A 226 4.62 23.43 11.25
N ARG A 227 5.76 23.81 10.66
CA ARG A 227 6.31 25.15 10.85
C ARG A 227 5.42 26.21 10.24
N PHE A 228 4.80 25.90 9.12
CA PHE A 228 4.06 26.87 8.35
C PHE A 228 2.86 27.32 9.12
N ILE A 229 2.13 26.33 9.63
CA ILE A 229 1.01 26.53 10.54
C ILE A 229 1.34 27.35 11.77
N LYS A 230 2.52 27.13 12.35
CA LYS A 230 2.88 27.93 13.52
C LYS A 230 2.88 29.40 13.14
N PHE A 231 3.38 29.79 11.96
CA PHE A 231 3.44 31.20 11.61
C PHE A 231 2.32 31.76 10.75
N ALA A 232 1.32 30.94 10.38
CA ALA A 232 0.16 31.43 9.62
C ALA A 232 -0.69 32.35 10.47
N ARG A 233 -1.48 33.23 9.84
CA ARG A 233 -2.21 34.34 10.49
C ARG A 233 -3.17 34.97 9.47
N VAL A 234 -4.29 35.49 9.91
CA VAL A 234 -5.31 35.98 8.99
C VAL A 234 -5.24 37.48 9.03
N CYS A 235 -5.18 38.14 7.88
CA CYS A 235 -5.08 39.62 7.80
C CYS A 235 -6.07 40.18 6.78
N GLU A 236 -6.48 41.46 6.91
CA GLU A 236 -7.32 42.11 5.85
C GLU A 236 -6.40 42.30 4.67
N VAL A 237 -6.89 41.89 3.50
CA VAL A 237 -6.24 42.13 2.23
C VAL A 237 -7.32 42.45 1.24
N ASP A 238 -7.45 43.73 0.91
CA ASP A 238 -8.55 44.21 0.05
C ASP A 238 -9.94 43.86 0.62
N ASN A 239 -10.29 44.41 1.79
CA ASN A 239 -11.63 44.16 2.41
C ASN A 239 -12.15 42.69 2.35
N GLU A 240 -11.22 41.73 2.28
CA GLU A 240 -11.48 40.29 2.35
C GLU A 240 -10.37 39.73 3.24
N LEU A 241 -10.70 38.77 4.11
CA LEU A 241 -9.76 38.19 5.04
C LEU A 241 -9.01 36.95 4.55
N ARG A 242 -7.78 37.10 4.12
CA ARG A 242 -6.95 36.03 3.61
C ARG A 242 -5.95 35.50 4.67
N ILE A 243 -5.41 34.30 4.47
CA ILE A 243 -4.30 33.75 5.28
C ILE A 243 -2.96 34.34 4.87
N CYS A 244 -2.08 34.53 5.83
CA CYS A 244 -0.78 35.15 5.60
C CYS A 244 0.32 34.43 6.34
N ALA A 245 1.54 34.58 5.83
CA ALA A 245 2.69 33.90 6.36
C ALA A 245 3.64 34.93 6.92
N ARG A 246 4.49 34.56 7.86
CA ARG A 246 5.52 35.48 8.28
C ARG A 246 6.41 35.79 7.11
N ASP A 247 7.02 36.96 7.18
CA ASP A 247 7.91 37.42 6.14
C ASP A 247 9.03 36.41 5.94
N LYS A 248 9.60 35.96 7.04
CA LYS A 248 10.69 34.98 7.00
C LYS A 248 10.29 33.66 6.30
N GLU A 249 9.05 33.16 6.46
CA GLU A 249 8.65 31.93 5.73
C GLU A 249 8.81 31.95 4.19
N VAL A 250 8.85 33.12 3.55
CA VAL A 250 8.85 33.20 2.07
C VAL A 250 9.87 32.31 1.41
N GLY A 251 11.07 32.23 1.95
CA GLY A 251 12.08 31.30 1.41
C GLY A 251 11.54 29.89 1.33
N ASN A 252 10.98 29.43 2.44
CA ASN A 252 10.42 28.09 2.54
C ASN A 252 9.29 27.82 1.60
N LEU A 253 8.56 28.85 1.22
CA LEU A 253 7.50 28.67 0.24
C LEU A 253 8.05 28.45 -1.17
N TYR A 254 9.04 29.22 -1.59
CA TYR A 254 9.66 28.91 -2.86
C TYR A 254 10.19 27.46 -2.84
N ASP A 255 10.74 27.03 -1.72
CA ASP A 255 11.24 25.66 -1.64
C ASP A 255 10.13 24.59 -1.78
N MET A 256 8.94 24.83 -1.23
CA MET A 256 7.82 23.87 -1.29
C MET A 256 7.43 23.56 -2.75
N PHE A 257 7.31 24.63 -3.52
CA PHE A 257 6.97 24.52 -4.93
C PHE A 257 8.08 23.86 -5.74
N HIS A 258 9.32 24.06 -5.31
CA HIS A 258 10.43 23.27 -5.81
C HIS A 258 10.27 21.82 -5.41
N THR A 259 10.23 21.49 -4.11
CA THR A 259 9.95 20.11 -3.64
C THR A 259 8.92 19.38 -4.50
N ARG A 260 7.83 20.09 -4.81
CA ARG A 260 6.73 19.55 -5.58
C ARG A 260 7.17 19.15 -6.98
N ASN A 261 7.81 20.09 -7.64
CA ASN A 261 8.30 19.93 -9.00
C ASN A 261 9.32 18.83 -9.03
N SER A 262 10.12 18.80 -7.99
CA SER A 262 11.08 17.75 -7.73
C SER A 262 10.40 16.42 -7.59
N LEU A 263 9.29 16.34 -6.88
CA LEU A 263 8.55 15.08 -6.80
C LEU A 263 8.03 14.62 -8.14
N HIS A 264 7.58 15.55 -8.99
CA HIS A 264 7.05 15.20 -10.32
C HIS A 264 8.12 14.68 -11.28
N ARG A 265 9.29 15.29 -11.21
CA ARG A 265 10.43 14.80 -11.95
C ARG A 265 10.79 13.40 -11.54
N ARG A 266 11.05 13.18 -10.28
CA ARG A 266 11.53 11.89 -9.80
C ARG A 266 10.53 10.75 -9.91
N ALA A 267 9.26 11.07 -9.61
CA ALA A 267 8.23 10.06 -9.32
C ALA A 267 6.94 10.19 -10.12
N TYR A 268 6.24 11.30 -9.99
CA TYR A 268 4.90 11.39 -10.58
C TYR A 268 4.85 11.43 -12.11
N GLN A 269 5.90 11.97 -12.73
CA GLN A 269 6.07 11.88 -14.18
C GLN A 269 7.25 10.96 -14.61
N HIS A 270 7.61 9.98 -13.81
CA HIS A 270 8.68 9.04 -14.19
C HIS A 270 8.35 8.45 -15.57
N LYS A 271 9.33 8.55 -16.49
CA LYS A 271 9.20 8.12 -17.89
C LYS A 271 8.47 6.76 -18.02
N VAL A 272 8.73 5.80 -17.12
CA VAL A 272 8.12 4.45 -17.16
C VAL A 272 6.82 4.40 -16.41
N GLY A 273 6.70 5.11 -15.30
CA GLY A 273 5.41 5.15 -14.62
C GLY A 273 4.37 5.67 -15.59
N ASN A 274 4.76 6.67 -16.38
CA ASN A 274 3.87 7.26 -17.34
C ASN A 274 3.47 6.32 -18.46
N ILE A 275 4.41 5.59 -19.00
CA ILE A 275 4.07 4.64 -20.07
C ILE A 275 3.19 3.49 -19.55
N ILE A 276 3.31 3.12 -18.28
CA ILE A 276 2.42 2.11 -17.69
C ILE A 276 1.04 2.70 -17.56
N ASP A 277 0.91 3.91 -17.01
CA ASP A 277 -0.38 4.66 -17.01
C ASP A 277 -1.04 4.62 -18.42
N THR A 278 -0.26 4.93 -19.43
CA THR A 278 -0.71 4.91 -20.86
C THR A 278 -1.13 3.55 -21.39
N MET A 279 -0.42 2.51 -20.99
CA MET A 279 -0.77 1.15 -21.38
C MET A 279 -2.05 0.65 -20.75
N ILE A 280 -2.23 0.99 -19.48
CA ILE A 280 -3.48 0.70 -18.79
C ILE A 280 -4.59 1.46 -19.48
N THR A 281 -4.38 2.75 -19.71
CA THR A 281 -5.39 3.57 -20.35
C THR A 281 -5.81 3.02 -21.69
N ASP A 282 -4.86 2.49 -22.47
CA ASP A 282 -5.21 1.85 -23.75
C ASP A 282 -5.99 0.56 -23.52
N ALA A 283 -5.55 -0.27 -22.59
CA ALA A 283 -6.32 -1.48 -22.22
C ALA A 283 -7.77 -1.18 -21.82
N PHE A 284 -7.97 -0.12 -21.04
CA PHE A 284 -9.33 0.32 -20.67
C PHE A 284 -10.12 0.69 -21.91
N LEU A 285 -9.50 1.46 -22.79
CA LEU A 285 -10.14 1.85 -24.03
C LEU A 285 -10.53 0.59 -24.80
N LYS A 286 -9.61 -0.37 -24.91
CA LYS A 286 -9.91 -1.64 -25.59
C LYS A 286 -11.14 -2.34 -24.92
N ALA A 287 -11.23 -2.26 -23.60
CA ALA A 287 -12.32 -2.89 -22.84
C ALA A 287 -13.61 -2.07 -22.68
N ASP A 288 -13.58 -0.79 -23.01
CA ASP A 288 -14.65 0.13 -22.59
C ASP A 288 -16.03 -0.13 -23.17
N ASP A 289 -16.05 -0.45 -24.44
CA ASP A 289 -17.29 -0.76 -25.15
C ASP A 289 -17.92 -2.03 -24.64
N TYR A 290 -17.12 -2.93 -24.08
CA TYR A 290 -17.54 -4.28 -23.76
C TYR A 290 -17.70 -4.58 -22.27
N ILE A 291 -17.71 -3.59 -21.36
CA ILE A 291 -17.84 -3.84 -19.88
C ILE A 291 -18.97 -3.02 -19.28
N GLU A 292 -20.03 -3.72 -18.82
CA GLU A 292 -21.23 -3.12 -18.22
C GLU A 292 -21.06 -3.01 -16.71
N ILE A 293 -21.34 -1.84 -16.13
CA ILE A 293 -21.30 -1.61 -14.67
C ILE A 293 -22.67 -1.18 -14.17
N THR A 294 -23.21 -1.86 -13.17
CA THR A 294 -24.63 -1.71 -12.87
C THR A 294 -24.90 -0.54 -11.93
N GLY A 295 -25.70 0.42 -12.40
CA GLY A 295 -26.07 1.60 -11.60
C GLY A 295 -27.52 1.72 -11.11
N ALA A 296 -27.86 2.96 -10.74
CA ALA A 296 -29.21 3.40 -10.33
C ALA A 296 -30.36 2.77 -11.13
N GLY A 297 -31.17 1.98 -10.43
CA GLY A 297 -32.28 1.27 -11.03
C GLY A 297 -31.92 0.18 -12.02
N GLY A 298 -30.79 -0.50 -11.82
CA GLY A 298 -30.34 -1.50 -12.78
C GLY A 298 -29.79 -1.03 -14.14
N LYS A 299 -29.73 0.28 -14.43
CA LYS A 299 -29.24 0.77 -15.74
C LYS A 299 -27.73 0.39 -15.84
N LYS A 300 -27.32 -0.20 -16.98
CA LYS A 300 -25.91 -0.63 -17.22
C LYS A 300 -25.09 0.56 -17.79
N TYR A 301 -23.87 0.79 -17.30
CA TYR A 301 -22.99 1.92 -17.71
C TYR A 301 -21.64 1.37 -18.10
N ARG A 302 -20.92 2.08 -18.96
CA ARG A 302 -19.58 1.66 -19.39
C ARG A 302 -18.54 2.32 -18.51
N ILE A 303 -17.26 1.93 -18.61
CA ILE A 303 -16.24 2.52 -17.71
C ILE A 303 -16.22 4.02 -17.87
N SER A 304 -16.36 4.51 -19.10
CA SER A 304 -16.29 5.93 -19.34
C SER A 304 -17.56 6.70 -18.99
N THR A 305 -18.74 6.06 -19.02
CA THR A 305 -20.04 6.71 -18.68
C THR A 305 -20.40 6.61 -17.22
N ALA A 306 -19.67 5.77 -16.48
CA ALA A 306 -19.94 5.54 -15.07
C ALA A 306 -19.78 6.77 -14.26
N ILE A 307 -18.98 7.73 -14.71
CA ILE A 307 -18.86 9.03 -14.06
C ILE A 307 -20.15 9.86 -14.08
N ASP A 308 -21.10 9.49 -14.91
CA ASP A 308 -22.42 10.09 -14.86
C ASP A 308 -23.40 9.44 -13.87
N ASP A 309 -23.06 8.34 -13.18
CA ASP A 309 -23.95 7.81 -12.10
C ASP A 309 -23.20 7.30 -10.87
N MET A 310 -23.37 8.03 -9.77
CA MET A 310 -22.53 7.83 -8.58
C MET A 310 -22.78 6.50 -7.89
N GLU A 311 -23.97 5.92 -8.08
CA GLU A 311 -24.24 4.53 -7.70
C GLU A 311 -23.30 3.58 -8.43
N ALA A 312 -23.19 3.77 -9.74
CA ALA A 312 -22.31 2.93 -10.53
C ALA A 312 -20.83 3.29 -10.37
N TYR A 313 -20.52 4.57 -10.22
CA TYR A 313 -19.14 5.02 -10.05
C TYR A 313 -18.56 4.54 -8.71
N THR A 314 -19.42 4.30 -7.70
CA THR A 314 -19.01 3.71 -6.42
C THR A 314 -18.30 2.34 -6.63
N LYS A 315 -18.78 1.58 -7.62
CA LYS A 315 -18.24 0.27 -7.93
C LYS A 315 -16.95 0.28 -8.75
N LEU A 316 -16.66 1.42 -9.38
CA LEU A 316 -15.54 1.53 -10.32
C LEU A 316 -14.28 1.90 -9.58
N THR A 317 -13.38 0.93 -9.48
CA THR A 317 -12.15 1.09 -8.68
C THR A 317 -11.03 0.39 -9.39
N ASP A 318 -9.83 0.37 -8.80
CA ASP A 318 -8.70 -0.36 -9.39
C ASP A 318 -9.00 -1.86 -9.73
N ASN A 319 -9.97 -2.46 -9.03
CA ASN A 319 -10.48 -3.79 -9.34
C ASN A 319 -10.53 -4.08 -10.83
N ILE A 320 -11.05 -3.13 -11.58
CA ILE A 320 -11.33 -3.32 -13.00
C ILE A 320 -10.15 -3.80 -13.85
N PHE A 321 -8.94 -3.43 -13.44
CA PHE A 321 -7.64 -3.94 -13.98
C PHE A 321 -7.61 -5.46 -13.91
N LEU A 322 -7.87 -6.00 -12.72
CA LEU A 322 -7.87 -7.44 -12.51
C LEU A 322 -9.10 -8.11 -13.10
N GLU A 323 -10.26 -7.44 -13.01
CA GLU A 323 -11.50 -7.93 -13.65
C GLU A 323 -11.11 -8.23 -15.09
N ILE A 324 -10.36 -7.30 -15.72
CA ILE A 324 -9.93 -7.53 -17.10
C ILE A 324 -8.85 -8.60 -17.21
N LEU A 325 -7.70 -8.44 -16.56
CA LEU A 325 -6.59 -9.41 -16.65
C LEU A 325 -7.01 -10.85 -16.38
N TYR A 326 -7.80 -11.07 -15.33
CA TYR A 326 -8.28 -12.42 -14.97
C TYR A 326 -9.47 -12.91 -15.82
N SER A 327 -10.07 -12.05 -16.63
CA SER A 327 -11.14 -12.48 -17.51
C SER A 327 -10.67 -13.53 -18.53
N THR A 328 -11.69 -14.07 -19.21
CA THR A 328 -11.55 -15.02 -20.33
C THR A 328 -12.55 -14.80 -21.53
N ASP A 329 -13.37 -13.76 -21.49
CA ASP A 329 -14.28 -13.43 -22.59
C ASP A 329 -13.44 -12.90 -23.78
N PRO A 330 -13.67 -13.44 -24.98
CA PRO A 330 -12.76 -13.05 -26.04
C PRO A 330 -12.93 -11.63 -26.58
N LYS A 331 -14.05 -10.96 -26.30
CA LYS A 331 -14.16 -9.54 -26.69
C LYS A 331 -13.20 -8.63 -25.89
N LEU A 332 -12.63 -9.21 -24.81
CA LEU A 332 -11.48 -8.63 -24.08
C LEU A 332 -10.08 -9.24 -24.35
N LYS A 333 -9.87 -10.03 -25.42
CA LYS A 333 -8.50 -10.52 -25.75
C LYS A 333 -7.61 -9.29 -25.94
N ASP A 334 -8.12 -8.30 -26.67
CA ASP A 334 -7.55 -6.94 -26.87
C ASP A 334 -6.83 -6.41 -25.62
N ALA A 335 -7.66 -6.09 -24.63
CA ALA A 335 -7.23 -5.39 -23.44
C ALA A 335 -6.43 -6.30 -22.50
N ARG A 336 -6.85 -7.55 -22.38
CA ARG A 336 -6.16 -8.53 -21.51
C ARG A 336 -4.74 -8.73 -21.99
N GLU A 337 -4.53 -8.73 -23.32
CA GLU A 337 -3.21 -8.98 -23.86
C GLU A 337 -2.26 -7.85 -23.58
N ILE A 338 -2.75 -6.62 -23.60
CA ILE A 338 -1.97 -5.46 -23.14
C ILE A 338 -1.53 -5.65 -21.71
N LEU A 339 -2.50 -5.88 -20.83
CA LEU A 339 -2.20 -5.94 -19.42
C LEU A 339 -1.24 -7.06 -19.08
N LYS A 340 -1.28 -8.16 -19.82
CA LYS A 340 -0.29 -9.20 -19.64
C LYS A 340 1.09 -8.67 -20.03
N GLN A 341 1.16 -7.86 -21.09
CA GLN A 341 2.45 -7.27 -21.50
C GLN A 341 3.07 -6.38 -20.38
N ILE A 342 2.28 -5.86 -19.45
CA ILE A 342 2.80 -5.17 -18.24
C ILE A 342 3.34 -6.19 -17.24
N GLU A 343 2.54 -7.25 -16.95
CA GLU A 343 2.94 -8.30 -15.99
C GLU A 343 4.32 -8.85 -16.44
N TYR A 344 4.44 -9.16 -17.73
CA TYR A 344 5.70 -9.67 -18.28
C TYR A 344 6.77 -8.58 -18.49
N ARG A 345 6.37 -7.31 -18.39
CA ARG A 345 7.30 -6.21 -18.56
C ARG A 345 7.82 -6.06 -20.00
N ASN A 346 6.97 -6.35 -20.97
CA ASN A 346 7.12 -5.78 -22.33
C ASN A 346 6.45 -4.45 -22.34
N LEU A 347 7.17 -3.42 -21.97
CA LEU A 347 6.61 -2.11 -22.05
C LEU A 347 6.96 -1.57 -23.42
N PHE A 348 6.22 -0.56 -23.83
CA PHE A 348 6.62 0.22 -24.98
C PHE A 348 7.94 0.82 -24.58
N LYS A 349 8.94 0.77 -25.46
CA LYS A 349 10.30 1.20 -25.12
C LYS A 349 10.41 2.72 -25.19
N TYR A 350 11.06 3.32 -24.20
CA TYR A 350 11.31 4.75 -24.15
C TYR A 350 12.46 5.08 -25.09
N VAL A 351 12.31 6.19 -25.81
CA VAL A 351 13.26 6.57 -26.86
C VAL A 351 14.08 7.78 -26.41
N GLY A 352 13.42 8.79 -25.90
CA GLY A 352 14.12 9.92 -25.29
C GLY A 352 13.18 11.07 -24.96
N GLU A 353 13.77 12.10 -24.38
CA GLU A 353 13.10 13.30 -23.95
C GLU A 353 13.67 14.45 -24.72
N THR A 354 12.87 15.48 -24.94
CA THR A 354 13.38 16.78 -25.48
C THR A 354 12.45 17.95 -25.05
N GLN A 355 12.88 19.16 -25.33
CA GLN A 355 12.15 20.35 -24.91
C GLN A 355 12.08 21.38 -26.05
N PRO A 356 10.94 22.13 -26.13
CA PRO A 356 10.83 23.29 -26.99
C PRO A 356 11.86 24.36 -26.65
N THR A 357 11.93 25.37 -27.53
CA THR A 357 13.04 26.30 -27.57
C THR A 357 12.54 27.69 -27.77
N GLY A 358 13.34 28.65 -27.27
CA GLY A 358 12.94 30.05 -27.23
C GLY A 358 11.69 30.18 -26.37
N GLN A 359 10.57 30.54 -27.01
CA GLN A 359 9.30 30.68 -26.31
C GLN A 359 8.19 29.97 -27.13
N ILE A 360 8.47 28.77 -27.64
CA ILE A 360 7.50 27.91 -28.33
C ILE A 360 6.68 27.13 -27.27
N LYS A 361 5.38 27.42 -27.06
CA LYS A 361 4.54 26.46 -26.29
C LYS A 361 4.05 25.43 -27.34
N ILE A 362 3.32 24.40 -26.92
CA ILE A 362 2.80 23.34 -27.82
C ILE A 362 1.30 23.14 -27.53
N LYS A 363 0.45 23.63 -28.45
CA LYS A 363 -1.02 23.69 -28.27
C LYS A 363 -1.59 22.28 -28.01
N ARG A 364 -2.51 22.17 -27.04
CA ARG A 364 -3.21 20.90 -26.76
C ARG A 364 -3.95 20.43 -28.05
N GLU A 365 -4.39 21.41 -28.87
CA GLU A 365 -4.75 21.21 -30.30
C GLU A 365 -3.85 20.16 -31.03
N ASP A 366 -2.53 20.27 -30.90
CA ASP A 366 -1.54 19.54 -31.76
C ASP A 366 -0.95 18.21 -31.25
N TYR A 367 -1.29 17.83 -30.01
CA TYR A 367 -0.78 16.57 -29.39
C TYR A 367 -1.02 15.35 -30.33
N GLU A 368 -2.28 15.18 -30.75
CA GLU A 368 -2.68 14.08 -31.66
C GLU A 368 -1.79 14.01 -32.91
N SER A 369 -1.33 15.15 -33.45
CA SER A 369 -0.56 15.15 -34.71
C SER A 369 0.93 14.77 -34.59
N LEU A 370 1.44 14.66 -33.37
CA LEU A 370 2.90 14.54 -33.16
C LEU A 370 3.56 13.24 -33.60
N PRO A 371 2.93 12.09 -33.35
CA PRO A 371 3.55 10.89 -33.95
C PRO A 371 3.76 11.03 -35.49
N LYS A 372 2.77 11.58 -36.21
CA LYS A 372 2.90 11.76 -37.66
C LYS A 372 4.18 12.49 -37.99
N GLU A 373 4.50 13.52 -37.20
CA GLU A 373 5.72 14.30 -37.43
C GLU A 373 6.98 13.45 -37.31
N VAL A 374 7.00 12.54 -36.35
CA VAL A 374 8.18 11.74 -36.03
C VAL A 374 8.44 10.72 -37.13
N ALA A 375 7.38 10.17 -37.71
CA ALA A 375 7.50 9.24 -38.84
C ALA A 375 8.03 9.96 -40.08
N SER A 376 7.66 11.25 -40.21
CA SER A 376 8.04 12.13 -41.34
C SER A 376 9.54 12.39 -41.51
N ALA A 377 10.26 12.55 -40.39
CA ALA A 377 11.71 12.86 -40.36
C ALA A 377 12.53 11.92 -41.27
N LYS A 378 13.48 12.47 -42.01
CA LYS A 378 14.21 11.69 -43.02
C LYS A 378 15.74 11.69 -42.72
N PRO A 379 16.17 10.95 -41.65
CA PRO A 379 17.61 10.68 -41.35
C PRO A 379 18.27 9.71 -42.35
N LYS A 380 19.60 9.71 -42.50
CA LYS A 380 20.28 9.05 -43.66
C LYS A 380 20.37 7.51 -43.58
N LYS A 388 6.07 3.46 -39.23
CA LYS A 388 4.83 4.23 -39.38
C LYS A 388 4.56 4.97 -38.08
N ALA A 389 3.73 6.00 -38.11
CA ALA A 389 3.45 6.78 -36.90
C ALA A 389 2.41 6.15 -35.95
N GLU A 390 1.62 5.19 -36.44
CA GLU A 390 0.83 4.31 -35.55
C GLU A 390 1.72 3.69 -34.46
N ASP A 391 3.03 3.51 -34.76
CA ASP A 391 4.03 2.85 -33.89
C ASP A 391 4.54 3.71 -32.71
N PHE A 392 4.64 5.03 -32.92
CA PHE A 392 5.12 5.98 -31.90
C PHE A 392 4.02 6.48 -30.95
N ILE A 393 4.42 6.74 -29.71
CA ILE A 393 3.65 7.54 -28.75
C ILE A 393 4.45 8.75 -28.33
N VAL A 394 3.78 9.87 -28.15
CA VAL A 394 4.45 11.10 -27.83
C VAL A 394 3.69 11.76 -26.74
N ASP A 395 4.29 11.91 -25.57
CA ASP A 395 3.61 12.32 -24.36
C ASP A 395 4.13 13.70 -24.07
N VAL A 396 3.23 14.69 -23.99
CA VAL A 396 3.63 16.06 -23.67
C VAL A 396 3.23 16.42 -22.25
N ILE A 397 4.22 16.77 -21.43
CA ILE A 397 4.02 16.98 -20.03
C ILE A 397 4.30 18.43 -19.68
N ASN A 398 3.27 19.14 -19.20
CA ASN A 398 3.42 20.54 -18.76
C ASN A 398 3.82 20.54 -17.29
N MET A 399 4.86 21.30 -16.92
CA MET A 399 5.47 21.34 -15.58
C MET A 399 5.49 22.78 -15.07
N ASP A 400 4.75 23.08 -14.03
CA ASP A 400 4.74 24.46 -13.56
C ASP A 400 4.83 24.53 -12.03
N TYR A 401 4.58 25.72 -11.47
CA TYR A 401 4.48 25.89 -10.02
C TYR A 401 2.99 26.06 -9.67
N GLY A 402 2.15 25.30 -10.36
CA GLY A 402 0.72 25.32 -10.12
C GLY A 402 -0.11 26.35 -10.87
N MET A 403 0.48 27.43 -11.36
CA MET A 403 -0.37 28.49 -11.92
C MET A 403 0.07 28.86 -13.33
N GLN A 404 0.13 27.82 -14.17
CA GLN A 404 0.71 27.92 -15.51
C GLN A 404 1.97 28.81 -15.43
N GLU A 405 1.96 29.95 -16.13
CA GLU A 405 3.14 30.80 -16.25
C GLU A 405 3.43 31.65 -15.03
N LYS A 406 2.44 31.85 -14.16
CA LYS A 406 2.61 32.69 -12.98
C LYS A 406 3.40 32.04 -11.83
N ASN A 407 4.15 32.90 -11.15
CA ASN A 407 4.77 32.65 -9.83
C ASN A 407 3.71 32.67 -8.73
N PRO A 408 3.45 31.54 -8.08
CA PRO A 408 2.42 31.59 -7.05
C PRO A 408 2.81 32.40 -5.80
N ILE A 409 4.10 32.63 -5.55
CA ILE A 409 4.49 33.46 -4.39
C ILE A 409 4.05 34.91 -4.61
N ASP A 410 4.13 35.39 -5.85
CA ASP A 410 3.54 36.69 -6.20
C ASP A 410 2.05 36.80 -5.86
N HIS A 411 1.39 35.74 -5.34
CA HIS A 411 -0.03 35.75 -4.93
C HIS A 411 -0.23 35.22 -3.49
N VAL A 412 0.71 35.57 -2.64
CA VAL A 412 0.73 35.20 -1.23
C VAL A 412 0.90 36.49 -0.45
N SER A 413 0.27 36.60 0.72
CA SER A 413 0.37 37.84 1.50
C SER A 413 1.22 37.50 2.72
N PHE A 414 2.25 38.30 3.00
CA PHE A 414 3.14 38.05 4.16
C PHE A 414 2.91 39.08 5.27
N TYR A 415 3.54 38.92 6.44
CA TYR A 415 3.38 39.93 7.51
C TYR A 415 4.61 40.00 8.42
N CYS A 416 4.94 41.19 8.90
CA CYS A 416 6.15 41.37 9.72
C CYS A 416 5.91 41.14 11.17
N LYS A 417 7.00 40.84 11.87
CA LYS A 417 6.96 40.74 13.32
C LYS A 417 6.45 42.08 13.90
N THR A 418 6.94 43.20 13.38
CA THR A 418 6.62 44.54 13.90
C THR A 418 5.13 44.91 13.83
N ALA A 419 4.50 44.55 12.72
CA ALA A 419 3.14 44.97 12.35
C ALA A 419 2.44 43.71 11.91
N PRO A 420 1.86 42.98 12.88
CA PRO A 420 1.30 41.64 12.61
C PRO A 420 -0.03 41.61 11.90
N ASN A 421 -0.67 42.76 11.71
CA ASN A 421 -1.92 42.84 10.95
C ASN A 421 -1.73 43.44 9.60
N ARG A 422 -0.76 44.35 9.47
CA ARG A 422 -0.37 44.92 8.19
C ARG A 422 0.30 43.86 7.35
N ALA A 423 -0.44 43.38 6.36
CA ALA A 423 0.07 42.43 5.39
C ALA A 423 0.85 43.16 4.35
N ILE A 424 1.61 42.43 3.55
CA ILE A 424 2.48 43.00 2.52
C ILE A 424 2.67 42.04 1.37
N ARG A 425 3.31 42.48 0.27
CA ARG A 425 3.68 41.59 -0.87
C ARG A 425 5.23 41.38 -0.77
N ILE A 426 5.73 40.25 -1.28
CA ILE A 426 7.17 40.10 -1.47
C ILE A 426 7.52 39.52 -2.85
N THR A 427 8.03 40.39 -3.71
CA THR A 427 8.44 40.01 -5.05
C THR A 427 9.71 39.16 -5.06
N LYS A 428 9.93 38.40 -6.13
CA LYS A 428 11.05 37.42 -6.24
C LYS A 428 12.41 38.05 -5.95
N ASN A 429 12.58 39.29 -6.40
CA ASN A 429 13.79 40.12 -6.27
C ASN A 429 14.25 40.51 -4.88
N GLN A 430 13.32 40.45 -3.95
CA GLN A 430 13.62 40.62 -2.54
C GLN A 430 13.96 39.30 -1.89
N VAL A 431 14.13 38.22 -2.65
CA VAL A 431 14.35 36.93 -2.03
C VAL A 431 15.71 36.35 -2.44
N SER A 432 15.93 36.19 -3.74
CA SER A 432 17.17 35.61 -4.25
C SER A 432 17.28 35.84 -5.75
N GLN A 433 18.48 35.68 -6.31
CA GLN A 433 18.72 35.55 -7.78
C GLN A 433 18.91 34.07 -8.24
N LEU A 434 18.87 33.15 -7.27
CA LEU A 434 19.04 31.72 -7.50
C LEU A 434 17.71 30.99 -7.57
N LEU A 435 16.62 31.78 -7.59
CA LEU A 435 15.29 31.25 -7.87
C LEU A 435 15.08 31.17 -9.38
N PRO A 436 14.03 30.43 -9.82
CA PRO A 436 13.85 30.16 -11.26
C PRO A 436 13.50 31.39 -12.15
N GLU A 437 14.06 31.47 -13.36
CA GLU A 437 13.68 32.62 -14.29
C GLU A 437 12.23 32.45 -14.85
N LYS A 438 11.90 31.23 -15.29
CA LYS A 438 10.58 30.85 -15.83
C LYS A 438 9.86 29.99 -14.73
N PHE A 439 8.51 29.94 -14.71
CA PHE A 439 7.77 29.07 -13.77
C PHE A 439 6.96 27.95 -14.40
N ALA A 440 7.24 27.65 -15.66
CA ALA A 440 6.55 26.60 -16.37
C ALA A 440 7.31 26.20 -17.63
N GLU A 441 7.39 24.89 -17.89
CA GLU A 441 8.09 24.35 -19.05
C GLU A 441 7.35 23.14 -19.62
N GLN A 442 7.76 22.67 -20.79
CA GLN A 442 7.18 21.49 -21.41
C GLN A 442 8.24 20.44 -21.59
N LEU A 443 7.80 19.20 -21.50
CA LEU A 443 8.66 18.05 -21.70
C LEU A 443 7.98 17.10 -22.64
N ILE A 444 8.69 16.72 -23.69
CA ILE A 444 8.14 15.89 -24.73
C ILE A 444 8.89 14.57 -24.68
N ARG A 445 8.17 13.46 -24.67
CA ARG A 445 8.78 12.14 -24.60
C ARG A 445 8.23 11.21 -25.60
N VAL A 446 9.12 10.55 -26.28
CA VAL A 446 8.74 9.68 -27.32
C VAL A 446 9.01 8.28 -26.84
N TYR A 447 7.99 7.44 -26.98
CA TYR A 447 8.14 6.02 -26.75
C TYR A 447 7.77 5.35 -28.08
N CYS A 448 8.21 4.11 -28.28
CA CYS A 448 7.89 3.36 -29.47
C CYS A 448 7.21 2.05 -29.10
N LYS A 449 6.13 1.71 -29.80
CA LYS A 449 5.35 0.52 -29.48
C LYS A 449 5.97 -0.76 -30.06
N LYS A 450 6.79 -0.66 -31.10
CA LYS A 450 7.59 -1.80 -31.66
C LYS A 450 8.92 -1.90 -30.88
N VAL A 451 9.20 -3.06 -30.30
CA VAL A 451 10.18 -3.16 -29.18
C VAL A 451 11.58 -3.64 -29.49
N ASP A 452 11.77 -4.38 -30.58
CA ASP A 452 13.08 -5.03 -30.86
C ASP A 452 14.23 -4.07 -31.21
N ARG A 453 15.46 -4.62 -31.28
CA ARG A 453 16.69 -3.88 -31.59
C ARG A 453 16.65 -3.22 -33.00
N LYS A 454 16.19 -3.94 -34.04
CA LYS A 454 16.06 -3.32 -35.38
C LYS A 454 15.14 -2.10 -35.24
N SER A 455 13.99 -2.27 -34.57
CA SER A 455 12.98 -1.21 -34.42
C SER A 455 13.49 -0.03 -33.64
N LEU A 456 13.97 -0.32 -32.44
CA LEU A 456 14.27 0.70 -31.46
C LEU A 456 15.43 1.61 -31.91
N TYR A 457 16.36 1.07 -32.71
CA TYR A 457 17.39 1.89 -33.34
C TYR A 457 16.75 2.92 -34.26
N ALA A 458 15.81 2.44 -35.06
CA ALA A 458 15.12 3.30 -36.00
C ALA A 458 14.43 4.44 -35.27
N ALA A 459 13.62 4.10 -34.26
CA ALA A 459 12.96 5.10 -33.44
C ALA A 459 13.99 6.14 -32.97
N ARG A 460 15.13 5.67 -32.46
CA ARG A 460 16.18 6.58 -31.98
C ARG A 460 16.78 7.49 -33.10
N GLN A 461 16.77 7.07 -34.36
CA GLN A 461 17.22 7.96 -35.44
C GLN A 461 16.14 8.96 -35.87
N TYR A 462 14.91 8.46 -36.05
CA TYR A 462 13.75 9.32 -36.34
C TYR A 462 13.67 10.44 -35.33
N PHE A 463 13.53 10.05 -34.06
CA PHE A 463 13.38 10.97 -32.95
C PHE A 463 14.46 12.03 -32.87
N VAL A 464 15.74 11.64 -33.00
CA VAL A 464 16.81 12.65 -32.95
C VAL A 464 16.74 13.59 -34.15
N GLN A 465 16.43 13.10 -35.37
CA GLN A 465 16.30 14.05 -36.50
C GLN A 465 15.08 14.96 -36.25
N TRP A 466 13.99 14.40 -35.74
CA TRP A 466 12.83 15.21 -35.37
C TRP A 466 13.24 16.40 -34.48
N CYS A 467 14.02 16.16 -33.43
CA CYS A 467 14.46 17.25 -32.52
C CYS A 467 15.22 18.31 -33.27
N ALA A 468 16.12 17.87 -34.16
CA ALA A 468 16.93 18.79 -34.96
C ALA A 468 16.06 19.58 -35.95
N ASP A 469 15.03 18.95 -36.50
CA ASP A 469 14.10 19.61 -37.41
C ASP A 469 13.32 20.72 -36.71
N ARG A 470 12.78 20.43 -35.53
CA ARG A 470 11.98 21.42 -34.78
C ARG A 470 12.80 22.44 -33.99
N ASN A 471 14.13 22.38 -34.08
CA ASN A 471 15.06 23.13 -33.21
C ASN A 471 14.68 22.99 -31.73
N PHE A 472 14.51 21.73 -31.31
CA PHE A 472 14.37 21.35 -29.91
C PHE A 472 15.77 21.06 -29.37
N THR A 473 15.88 20.78 -28.06
CA THR A 473 17.18 20.52 -27.40
C THR A 473 17.80 19.20 -27.86
N LYS A 474 19.16 19.11 -27.89
CA LYS A 474 19.84 17.80 -28.10
C LYS A 474 19.41 16.94 -26.89
N PRO A 475 18.79 15.77 -27.12
CA PRO A 475 18.52 14.86 -26.03
C PRO A 475 19.82 14.47 -25.28
N GLN A 476 19.75 14.34 -23.95
CA GLN A 476 20.94 14.18 -23.13
C GLN A 476 21.80 13.05 -23.63
N ASP A 477 21.13 11.93 -23.96
CA ASP A 477 21.72 10.71 -24.55
C ASP A 477 21.95 10.74 -26.08
N GLY A 478 21.85 11.93 -26.69
CA GLY A 478 21.71 12.11 -28.12
C GLY A 478 22.91 11.73 -28.95
N ASP A 479 24.12 12.10 -28.51
CA ASP A 479 25.37 11.68 -29.18
C ASP A 479 25.58 10.16 -29.22
N VAL A 480 25.12 9.48 -28.17
CA VAL A 480 25.28 8.04 -27.95
C VAL A 480 24.25 7.23 -28.73
N ILE A 481 22.96 7.59 -28.68
CA ILE A 481 21.94 6.90 -29.47
C ILE A 481 21.91 7.29 -30.95
N ALA A 482 22.38 8.49 -31.28
CA ALA A 482 22.32 8.99 -32.66
C ALA A 482 23.65 9.64 -33.13
N PRO A 483 24.71 8.81 -33.24
CA PRO A 483 26.04 9.31 -33.53
C PRO A 483 26.14 10.04 -34.83
N LEU A 484 25.45 9.55 -35.85
CA LEU A 484 25.52 10.16 -37.18
C LEU A 484 24.52 11.31 -37.37
N ILE A 485 23.75 11.70 -36.37
CA ILE A 485 22.73 12.74 -36.56
C ILE A 485 22.92 14.02 -35.75
N THR A 486 23.63 13.98 -34.64
CA THR A 486 23.86 15.18 -33.83
C THR A 486 24.98 16.13 -34.41
N PRO A 487 25.77 15.66 -35.39
CA PRO A 487 26.45 16.62 -36.27
C PRO A 487 25.55 17.33 -37.31
N GLN A 488 24.34 16.82 -37.62
CA GLN A 488 23.36 17.55 -38.48
C GLN A 488 23.12 18.98 -37.97
N LYS A 489 23.02 19.14 -36.63
CA LYS A 489 22.86 20.46 -36.00
C LYS A 489 24.21 21.07 -35.50
N LYS A 490 24.71 22.10 -36.21
CA LYS A 490 25.79 22.98 -35.72
C LYS A 490 25.42 23.57 -34.34
N GLU A 491 24.20 24.12 -34.23
CA GLU A 491 23.60 24.56 -32.97
C GLU A 491 23.79 23.58 -31.77
N TRP A 492 24.06 22.29 -32.04
CA TRP A 492 24.70 21.33 -31.08
C TRP A 492 26.09 20.96 -31.56
N MET B 9 22.99 -5.44 -14.08
CA MET B 9 22.20 -5.20 -12.82
C MET B 9 21.03 -4.24 -12.98
N LYS B 10 20.11 -4.30 -12.04
CA LYS B 10 18.90 -3.49 -12.13
C LYS B 10 18.52 -3.06 -10.74
N VAL B 11 18.37 -1.76 -10.58
CA VAL B 11 18.22 -1.17 -9.31
C VAL B 11 16.76 -0.84 -9.13
N ILE B 12 16.29 -0.98 -7.89
CA ILE B 12 14.93 -0.68 -7.52
C ILE B 12 14.90 -0.06 -6.10
N ASN B 13 14.09 1.00 -5.91
CA ASN B 13 14.05 1.74 -4.65
C ASN B 13 12.88 1.27 -3.81
N ASP B 14 13.25 0.37 -2.92
CA ASP B 14 12.43 0.00 -1.77
C ASP B 14 12.67 0.99 -0.61
N PRO B 15 11.59 1.57 -0.04
CA PRO B 15 11.77 2.52 1.01
C PRO B 15 12.35 1.98 2.30
N ILE B 16 12.27 0.69 2.54
CA ILE B 16 12.88 0.09 3.73
C ILE B 16 14.40 -0.15 3.55
N HIS B 17 14.85 -0.74 2.44
CA HIS B 17 16.24 -1.16 2.27
C HIS B 17 17.05 -0.30 1.35
N GLY B 18 16.41 0.65 0.70
CA GLY B 18 17.05 1.51 -0.28
C GLY B 18 17.11 0.95 -1.69
N HIS B 19 18.10 1.37 -2.43
CA HIS B 19 18.29 0.93 -3.81
C HIS B 19 18.88 -0.46 -3.76
N ILE B 20 18.27 -1.44 -4.41
CA ILE B 20 18.78 -2.84 -4.36
C ILE B 20 19.01 -3.41 -5.76
N GLU B 21 20.20 -3.98 -6.01
CA GLU B 21 20.56 -4.48 -7.33
C GLU B 21 20.01 -5.87 -7.51
N LEU B 22 19.29 -6.08 -8.60
CA LEU B 22 18.76 -7.38 -8.94
C LEU B 22 19.52 -7.96 -10.11
N HIS B 23 19.98 -9.20 -9.92
CA HIS B 23 20.63 -9.95 -11.00
C HIS B 23 19.61 -10.26 -12.10
N PRO B 24 20.05 -10.26 -13.37
CA PRO B 24 19.07 -10.33 -14.43
C PRO B 24 18.18 -11.58 -14.41
N LEU B 25 18.72 -12.69 -13.93
CA LEU B 25 17.93 -13.90 -13.64
C LEU B 25 16.78 -13.63 -12.63
N LEU B 26 17.09 -12.93 -11.54
CA LEU B 26 16.05 -12.59 -10.55
C LEU B 26 14.99 -11.72 -11.16
N VAL B 27 15.39 -10.84 -12.09
CA VAL B 27 14.41 -9.99 -12.80
C VAL B 27 13.48 -10.82 -13.66
N ARG B 28 14.03 -11.83 -14.32
CA ARG B 28 13.23 -12.73 -15.13
C ARG B 28 12.22 -13.51 -14.30
N ILE B 29 12.64 -13.95 -13.13
CA ILE B 29 11.73 -14.60 -12.20
C ILE B 29 10.62 -13.62 -11.75
N ILE B 30 10.99 -12.38 -11.45
CA ILE B 30 10.04 -11.37 -10.98
C ILE B 30 9.00 -11.00 -12.00
N ASN B 31 9.38 -10.90 -13.26
CA ASN B 31 8.47 -10.39 -14.26
C ASN B 31 7.66 -11.50 -14.91
N THR B 32 6.86 -12.15 -14.07
CA THR B 32 6.05 -13.28 -14.45
C THR B 32 4.70 -13.09 -13.75
N PRO B 33 3.61 -13.61 -14.35
CA PRO B 33 2.29 -13.56 -13.67
C PRO B 33 2.29 -14.12 -12.24
N GLN B 34 3.09 -15.17 -11.99
CA GLN B 34 3.08 -15.86 -10.69
C GLN B 34 3.60 -14.97 -9.54
N PHE B 35 4.64 -14.21 -9.86
CA PHE B 35 5.25 -13.29 -8.91
C PHE B 35 4.47 -11.97 -8.85
N GLN B 36 4.12 -11.38 -9.98
CA GLN B 36 3.43 -10.08 -9.95
C GLN B 36 2.05 -10.20 -9.26
N ARG B 37 1.51 -11.41 -9.20
CA ARG B 37 0.42 -11.75 -8.31
C ARG B 37 0.54 -11.23 -6.89
N LEU B 38 1.76 -11.16 -6.35
CA LEU B 38 1.97 -10.70 -4.99
C LEU B 38 1.69 -9.21 -4.82
N ARG B 39 1.58 -8.46 -5.91
CA ARG B 39 1.16 -7.05 -5.84
C ARG B 39 -0.27 -6.87 -5.36
N TYR B 40 -1.06 -7.94 -5.48
CA TYR B 40 -2.47 -7.88 -5.22
C TYR B 40 -2.87 -8.69 -3.98
N ILE B 41 -1.93 -8.92 -3.07
CA ILE B 41 -2.21 -9.63 -1.80
C ILE B 41 -1.63 -8.85 -0.60
N LYS B 42 -2.45 -8.46 0.35
CA LYS B 42 -1.90 -7.63 1.38
C LYS B 42 -1.17 -8.46 2.40
N GLN B 43 -0.04 -7.93 2.82
CA GLN B 43 0.81 -8.53 3.85
C GLN B 43 0.00 -8.82 5.13
N LEU B 44 -0.60 -7.81 5.74
CA LEU B 44 -1.34 -8.00 6.99
C LEU B 44 -2.81 -8.11 6.79
N GLY B 45 -3.27 -8.27 5.56
CA GLY B 45 -4.67 -8.62 5.36
C GLY B 45 -5.69 -7.74 6.09
N GLY B 46 -6.47 -8.33 6.97
CA GLY B 46 -7.41 -7.58 7.83
C GLY B 46 -6.85 -6.33 8.58
N GLY B 47 -5.55 -6.35 8.88
CA GLY B 47 -4.85 -5.20 9.46
C GLY B 47 -5.06 -3.86 8.77
N TYR B 48 -5.19 -3.86 7.45
CA TYR B 48 -5.44 -2.63 6.68
C TYR B 48 -6.70 -1.94 7.18
N TYR B 49 -7.71 -2.71 7.61
CA TYR B 49 -8.98 -2.15 8.09
C TYR B 49 -8.95 -1.66 9.55
N VAL B 50 -7.75 -1.71 10.17
CA VAL B 50 -7.48 -1.15 11.50
C VAL B 50 -6.31 -0.18 11.50
N PHE B 51 -5.20 -0.60 10.90
CA PHE B 51 -4.06 0.28 10.65
C PHE B 51 -4.08 0.74 9.20
N PRO B 52 -4.68 1.93 8.94
CA PRO B 52 -4.82 2.41 7.58
C PRO B 52 -3.49 2.70 6.88
N GLY B 53 -2.37 2.69 7.59
CA GLY B 53 -1.08 2.70 6.88
C GLY B 53 -0.64 1.45 6.15
N ALA B 54 -1.31 0.33 6.43
CA ALA B 54 -0.87 -1.05 6.10
C ALA B 54 -1.38 -1.63 4.78
N SER B 55 -1.30 -0.77 3.79
CA SER B 55 -1.59 -1.04 2.40
C SER B 55 -0.54 -1.94 1.76
N HIS B 56 0.62 -2.06 2.37
CA HIS B 56 1.66 -2.86 1.74
C HIS B 56 1.25 -4.28 1.45
N ASN B 57 1.83 -4.78 0.34
CA ASN B 57 1.61 -6.12 -0.19
C ASN B 57 2.85 -7.04 -0.12
N ARG B 58 2.63 -8.34 -0.32
CA ARG B 58 3.68 -9.34 -0.26
C ARG B 58 4.76 -9.17 -1.34
N PHE B 59 4.42 -8.50 -2.45
CA PHE B 59 5.40 -8.21 -3.52
C PHE B 59 6.65 -7.54 -2.94
N GLU B 60 6.46 -6.44 -2.26
CA GLU B 60 7.59 -5.66 -1.76
C GLU B 60 8.27 -6.33 -0.54
N HIS B 61 7.53 -7.04 0.30
CA HIS B 61 8.12 -7.95 1.33
C HIS B 61 9.02 -8.98 0.66
N SER B 62 8.48 -9.63 -0.38
CA SER B 62 9.20 -10.65 -1.14
C SER B 62 10.54 -10.13 -1.73
N LEU B 63 10.61 -8.86 -2.16
CA LEU B 63 11.88 -8.28 -2.62
C LEU B 63 12.90 -8.01 -1.53
N GLY B 64 12.44 -7.48 -0.39
CA GLY B 64 13.31 -7.22 0.75
C GLY B 64 13.90 -8.53 1.21
N VAL B 65 13.08 -9.58 1.29
CA VAL B 65 13.56 -10.84 1.81
C VAL B 65 14.65 -11.39 0.93
N GLY B 66 14.43 -11.35 -0.38
CA GLY B 66 15.51 -11.66 -1.32
C GLY B 66 16.76 -10.81 -1.11
N TYR B 67 16.57 -9.50 -0.98
CA TYR B 67 17.69 -8.58 -0.82
C TYR B 67 18.48 -8.96 0.41
N LEU B 68 17.80 -9.16 1.53
CA LEU B 68 18.50 -9.50 2.75
C LEU B 68 19.11 -10.89 2.71
N ALA B 69 18.52 -11.80 1.95
CA ALA B 69 19.10 -13.12 1.85
C ALA B 69 20.50 -13.02 1.20
N GLY B 70 20.58 -12.21 0.15
CA GLY B 70 21.85 -11.87 -0.47
C GLY B 70 22.81 -11.14 0.46
N CYS B 71 22.34 -10.12 1.19
CA CYS B 71 23.22 -9.35 2.07
C CYS B 71 24.00 -10.27 2.98
N LEU B 72 23.26 -11.10 3.70
CA LEU B 72 23.85 -12.00 4.67
C LEU B 72 24.76 -13.01 3.99
N VAL B 73 24.35 -13.62 2.90
CA VAL B 73 25.23 -14.63 2.32
C VAL B 73 26.51 -14.01 1.68
N HIS B 74 26.45 -12.79 1.11
CA HIS B 74 27.67 -12.09 0.64
C HIS B 74 28.55 -11.78 1.83
N ALA B 75 27.93 -11.43 2.94
CA ALA B 75 28.66 -11.01 4.11
C ALA B 75 29.47 -12.12 4.73
N LEU B 76 28.89 -13.30 4.80
CA LEU B 76 29.59 -14.47 5.33
C LEU B 76 30.74 -14.81 4.41
N GLY B 77 30.46 -14.89 3.11
CA GLY B 77 31.47 -14.98 2.05
C GLY B 77 32.67 -14.07 2.20
N GLU B 78 32.42 -12.75 2.25
CA GLU B 78 33.51 -11.78 2.45
C GLU B 78 34.26 -12.14 3.77
N LYS B 79 33.65 -11.94 4.94
CA LYS B 79 34.27 -12.30 6.22
C LYS B 79 35.01 -13.67 6.21
N GLN B 80 34.51 -14.71 5.52
CA GLN B 80 35.09 -16.11 5.56
C GLN B 80 35.15 -16.80 4.18
N PRO B 81 36.22 -16.52 3.40
CA PRO B 81 36.43 -17.16 2.09
C PRO B 81 36.63 -18.67 2.16
N GLU B 82 37.14 -19.14 3.28
CA GLU B 82 37.24 -20.57 3.52
C GLU B 82 35.93 -21.34 3.41
N LEU B 83 34.78 -20.68 3.40
CA LEU B 83 33.50 -21.41 3.27
C LEU B 83 33.20 -21.90 1.86
N GLN B 84 33.87 -21.37 0.85
CA GLN B 84 33.60 -21.75 -0.53
C GLN B 84 32.15 -21.38 -0.91
N ILE B 85 31.66 -20.23 -0.50
CA ILE B 85 30.36 -19.78 -1.01
C ILE B 85 30.55 -19.27 -2.45
N SER B 86 29.84 -19.85 -3.42
CA SER B 86 29.95 -19.48 -4.83
C SER B 86 28.89 -18.45 -5.23
N GLU B 87 29.05 -17.80 -6.39
CA GLU B 87 27.98 -16.95 -6.98
C GLU B 87 26.74 -17.81 -7.32
N ARG B 88 26.97 -19.10 -7.64
CA ARG B 88 25.88 -20.09 -7.77
C ARG B 88 25.06 -20.17 -6.48
N ASP B 89 25.75 -20.41 -5.36
CA ASP B 89 25.13 -20.44 -4.03
C ASP B 89 24.39 -19.12 -3.69
N VAL B 90 25.03 -17.98 -3.87
CA VAL B 90 24.40 -16.69 -3.57
C VAL B 90 23.09 -16.48 -4.33
N LEU B 91 23.12 -16.72 -5.62
CA LEU B 91 21.91 -16.64 -6.41
C LEU B 91 20.79 -17.54 -5.87
N CYS B 92 21.13 -18.77 -5.49
CA CYS B 92 20.10 -19.69 -5.03
C CYS B 92 19.41 -19.23 -3.78
N VAL B 93 20.17 -18.62 -2.87
CA VAL B 93 19.60 -18.10 -1.63
C VAL B 93 18.71 -16.90 -1.94
N GLN B 94 19.23 -15.95 -2.72
CA GLN B 94 18.43 -14.83 -3.20
C GLN B 94 17.08 -15.28 -3.80
N ILE B 95 17.11 -16.33 -4.63
CA ILE B 95 15.90 -16.83 -5.31
C ILE B 95 14.91 -17.42 -4.32
N ALA B 96 15.44 -18.12 -3.31
CA ALA B 96 14.60 -18.68 -2.27
C ALA B 96 13.92 -17.52 -1.56
N GLY B 97 14.71 -16.53 -1.16
CA GLY B 97 14.16 -15.32 -0.53
C GLY B 97 13.03 -14.69 -1.29
N LEU B 98 13.20 -14.59 -2.59
CA LEU B 98 12.23 -13.94 -3.45
C LEU B 98 10.95 -14.74 -3.50
N CYS B 99 11.11 -16.04 -3.71
CA CYS B 99 9.98 -16.93 -3.93
C CYS B 99 9.34 -17.56 -2.67
N HIS B 100 9.83 -17.22 -1.49
CA HIS B 100 9.46 -17.92 -0.28
C HIS B 100 8.00 -17.63 0.13
N ASP B 101 7.44 -16.48 -0.31
CA ASP B 101 6.04 -16.21 0.02
C ASP B 101 5.10 -16.29 -1.18
N LEU B 102 5.63 -16.72 -2.32
CA LEU B 102 4.80 -16.96 -3.51
C LEU B 102 3.45 -17.64 -3.33
N GLY B 103 3.32 -18.45 -2.28
CA GLY B 103 2.11 -19.22 -2.03
C GLY B 103 1.08 -18.66 -1.07
N HIS B 104 1.28 -17.44 -0.57
CA HIS B 104 0.24 -16.81 0.28
C HIS B 104 -1.03 -16.57 -0.53
N GLY B 105 -2.16 -16.92 0.05
CA GLY B 105 -3.43 -16.66 -0.58
C GLY B 105 -3.95 -15.25 -0.28
N PRO B 106 -5.17 -14.97 -0.73
CA PRO B 106 -5.86 -13.74 -0.38
C PRO B 106 -5.76 -13.40 1.12
N PHE B 107 -5.43 -12.14 1.42
CA PHE B 107 -5.22 -11.68 2.79
C PHE B 107 -4.18 -12.50 3.55
N SER B 108 -3.20 -13.00 2.81
CA SER B 108 -2.08 -13.73 3.38
C SER B 108 -2.51 -14.82 4.38
N HIS B 109 -2.40 -14.51 5.68
CA HIS B 109 -2.46 -15.54 6.70
C HIS B 109 -3.90 -15.92 7.00
N MET B 110 -4.84 -15.08 6.59
CA MET B 110 -6.23 -15.35 6.82
C MET B 110 -6.60 -16.57 6.02
N PHE B 111 -5.95 -16.75 4.88
CA PHE B 111 -6.32 -17.79 3.93
C PHE B 111 -5.88 -19.14 4.41
N ASP B 112 -4.58 -19.26 4.69
CA ASP B 112 -4.01 -20.53 5.11
C ASP B 112 -4.32 -20.83 6.57
N GLY B 113 -4.58 -19.77 7.34
CA GLY B 113 -4.84 -19.88 8.77
C GLY B 113 -6.28 -19.98 9.23
N ARG B 114 -7.22 -19.39 8.50
CA ARG B 114 -8.64 -19.50 8.84
C ARG B 114 -9.45 -20.17 7.77
N PHE B 115 -9.32 -19.71 6.53
CA PHE B 115 -10.21 -20.17 5.47
C PHE B 115 -10.05 -21.65 5.14
N ILE B 116 -8.90 -22.01 4.62
CA ILE B 116 -8.66 -23.38 4.16
C ILE B 116 -8.95 -24.41 5.27
N PRO B 117 -8.54 -24.10 6.52
CA PRO B 117 -8.86 -25.02 7.61
C PRO B 117 -10.36 -25.25 7.85
N LEU B 118 -11.16 -24.20 7.73
CA LEU B 118 -12.60 -24.37 7.87
C LEU B 118 -13.21 -24.97 6.61
N ALA B 119 -12.72 -24.56 5.45
CA ALA B 119 -13.34 -24.95 4.19
C ALA B 119 -12.92 -26.29 3.70
N ARG B 120 -11.73 -26.76 4.04
CA ARG B 120 -11.30 -28.11 3.65
C ARG B 120 -10.49 -28.72 4.78
N PRO B 121 -11.18 -29.20 5.84
CA PRO B 121 -10.47 -29.87 6.94
C PRO B 121 -9.61 -31.03 6.46
N GLU B 122 -10.09 -31.77 5.44
CA GLU B 122 -9.38 -32.96 4.94
C GLU B 122 -7.90 -32.80 4.53
N VAL B 123 -7.47 -31.59 4.14
CA VAL B 123 -6.06 -31.36 3.73
C VAL B 123 -5.23 -30.78 4.85
N LYS B 124 -3.90 -30.95 4.73
CA LYS B 124 -2.92 -30.16 5.51
C LYS B 124 -2.28 -29.31 4.46
N TRP B 125 -2.33 -28.00 4.63
CA TRP B 125 -1.79 -27.12 3.60
C TRP B 125 -1.43 -25.80 4.19
N THR B 126 -0.29 -25.28 3.76
CA THR B 126 0.31 -24.08 4.34
C THR B 126 0.92 -23.22 3.25
N HIS B 127 1.03 -21.91 3.48
CA HIS B 127 1.44 -21.03 2.37
C HIS B 127 2.79 -21.44 1.78
N GLU B 128 3.60 -22.13 2.58
CA GLU B 128 4.86 -22.66 2.08
C GLU B 128 4.75 -23.84 1.12
N GLN B 129 3.88 -24.81 1.40
CA GLN B 129 3.64 -25.95 0.47
C GLN B 129 3.19 -25.29 -0.83
N GLY B 130 2.38 -24.23 -0.72
CA GLY B 130 1.97 -23.41 -1.86
C GLY B 130 3.10 -22.65 -2.53
N SER B 131 3.94 -22.00 -1.73
CA SER B 131 5.14 -21.32 -2.26
C SER B 131 6.01 -22.25 -3.10
N VAL B 132 6.14 -23.51 -2.70
CA VAL B 132 6.92 -24.48 -3.49
C VAL B 132 6.25 -24.92 -4.81
N MET B 133 4.95 -25.15 -4.80
CA MET B 133 4.25 -25.56 -6.01
C MET B 133 4.18 -24.42 -7.03
N MET B 134 3.91 -23.22 -6.53
CA MET B 134 3.86 -22.02 -7.35
C MET B 134 5.21 -21.70 -7.97
N PHE B 135 6.27 -21.96 -7.22
CA PHE B 135 7.61 -21.93 -7.77
C PHE B 135 7.83 -22.89 -8.96
N GLU B 136 7.43 -24.16 -8.86
CA GLU B 136 7.53 -25.09 -10.02
C GLU B 136 6.70 -24.54 -11.20
N HIS B 137 5.52 -24.00 -10.95
CA HIS B 137 4.65 -23.49 -12.02
C HIS B 137 5.32 -22.34 -12.74
N LEU B 138 5.89 -21.44 -11.94
CA LEU B 138 6.62 -20.27 -12.45
C LEU B 138 7.77 -20.68 -13.36
N ILE B 139 8.66 -21.50 -12.83
CA ILE B 139 9.81 -22.02 -13.56
C ILE B 139 9.35 -22.68 -14.87
N ASN B 140 8.30 -23.50 -14.79
CA ASN B 140 7.87 -24.28 -15.94
C ASN B 140 7.14 -23.43 -16.97
N SER B 141 6.18 -22.65 -16.54
CA SER B 141 5.39 -21.87 -17.50
C SER B 141 6.16 -20.70 -18.13
N ASN B 142 7.35 -20.34 -17.65
CA ASN B 142 8.09 -19.17 -18.20
C ASN B 142 9.57 -19.46 -18.65
N GLY B 143 9.87 -20.68 -19.07
CA GLY B 143 11.21 -21.01 -19.58
C GLY B 143 12.41 -20.51 -18.79
N ILE B 144 12.27 -20.47 -17.47
CA ILE B 144 13.35 -20.09 -16.59
C ILE B 144 14.44 -21.17 -16.55
N LYS B 145 14.02 -22.45 -16.64
CA LYS B 145 14.97 -23.57 -16.43
C LYS B 145 16.26 -23.36 -17.30
N PRO B 146 16.12 -23.01 -18.61
CA PRO B 146 17.22 -22.54 -19.51
C PRO B 146 18.08 -21.40 -19.00
N VAL B 147 17.44 -20.35 -18.53
CA VAL B 147 18.12 -19.12 -18.09
C VAL B 147 19.00 -19.37 -16.85
N MET B 148 18.62 -20.32 -16.00
CA MET B 148 19.43 -20.68 -14.84
C MET B 148 20.75 -21.31 -15.28
N GLU B 149 20.67 -22.24 -16.25
CA GLU B 149 21.84 -22.91 -16.84
C GLU B 149 22.75 -21.82 -17.34
N GLN B 150 22.13 -20.84 -17.99
CA GLN B 150 22.81 -19.67 -18.58
C GLN B 150 23.72 -18.92 -17.58
N TYR B 151 23.32 -18.82 -16.31
CA TYR B 151 24.18 -18.17 -15.31
C TYR B 151 24.88 -19.13 -14.37
N GLY B 152 25.12 -20.36 -14.85
CA GLY B 152 25.81 -21.39 -14.05
C GLY B 152 25.03 -21.98 -12.88
N LEU B 153 23.69 -21.93 -12.91
CA LEU B 153 22.94 -22.78 -12.01
C LEU B 153 22.71 -24.15 -12.70
N ILE B 154 22.42 -25.16 -11.88
CA ILE B 154 22.29 -26.54 -12.27
C ILE B 154 20.93 -26.98 -11.75
N PRO B 155 19.85 -26.80 -12.56
CA PRO B 155 18.46 -27.04 -12.11
C PRO B 155 18.15 -28.29 -11.26
N GLU B 156 18.59 -29.48 -11.71
CA GLU B 156 18.39 -30.74 -10.95
C GLU B 156 18.84 -30.48 -9.49
N GLU B 157 20.06 -30.01 -9.30
CA GLU B 157 20.53 -29.65 -7.96
C GLU B 157 19.74 -28.42 -7.39
N ASP B 158 19.77 -27.30 -8.09
CA ASP B 158 19.40 -26.00 -7.49
C ASP B 158 17.91 -25.74 -7.24
N ILE B 159 17.03 -26.15 -8.13
CA ILE B 159 15.59 -26.05 -7.84
C ILE B 159 15.22 -26.83 -6.57
N CYS B 160 15.96 -27.93 -6.33
CA CYS B 160 15.77 -28.68 -5.09
C CYS B 160 16.22 -27.81 -3.93
N PHE B 161 17.43 -27.29 -4.05
CA PHE B 161 18.03 -26.48 -2.99
C PHE B 161 17.14 -25.31 -2.65
N ILE B 162 16.58 -24.66 -3.66
CA ILE B 162 15.63 -23.57 -3.45
C ILE B 162 14.33 -24.06 -2.77
N LYS B 163 13.75 -25.15 -3.30
CA LYS B 163 12.50 -25.67 -2.78
C LYS B 163 12.72 -26.00 -1.29
N GLU B 164 13.83 -26.69 -0.98
CA GLU B 164 14.21 -27.06 0.40
C GLU B 164 14.51 -25.82 1.33
N GLN B 165 15.08 -24.73 0.81
CA GLN B 165 15.20 -23.50 1.64
C GLN B 165 13.86 -22.95 2.13
N ILE B 166 12.84 -23.11 1.31
CA ILE B 166 11.53 -22.55 1.59
C ILE B 166 10.78 -23.38 2.63
N VAL B 167 10.73 -24.68 2.41
CA VAL B 167 9.86 -25.60 3.14
C VAL B 167 10.58 -26.44 4.18
N GLY B 168 11.84 -26.76 3.92
CA GLY B 168 12.51 -27.84 4.60
C GLY B 168 12.50 -28.99 3.61
N PRO B 169 12.77 -30.20 4.09
CA PRO B 169 12.99 -31.32 3.17
C PRO B 169 11.70 -31.86 2.51
N LEU B 170 11.83 -32.95 1.76
CA LEU B 170 10.89 -33.28 0.69
C LEU B 170 10.49 -34.79 0.55
N TRP B 179 21.34 -36.59 8.03
CA TRP B 179 21.35 -35.40 7.18
C TRP B 179 20.27 -35.48 6.08
N PRO B 180 19.21 -34.68 6.20
CA PRO B 180 18.04 -34.80 5.36
C PRO B 180 17.96 -33.92 4.08
N TYR B 181 19.06 -33.49 3.51
CA TYR B 181 18.98 -32.49 2.41
C TYR B 181 19.63 -32.86 1.09
N LYS B 182 18.83 -33.04 0.03
CA LYS B 182 19.35 -33.41 -1.28
C LYS B 182 20.06 -32.19 -1.94
N GLY B 183 19.61 -30.97 -1.70
CA GLY B 183 20.21 -29.79 -2.36
C GLY B 183 21.67 -29.37 -2.12
N ARG B 184 22.14 -29.35 -0.86
CA ARG B 184 23.57 -29.03 -0.53
C ARG B 184 24.09 -29.89 0.64
N PRO B 185 25.43 -30.09 0.72
CA PRO B 185 25.97 -30.93 1.80
C PRO B 185 25.93 -30.35 3.25
N GLU B 186 26.43 -31.15 4.20
CA GLU B 186 26.57 -30.74 5.61
C GLU B 186 27.58 -29.59 5.75
N ASN B 187 28.52 -29.49 4.80
CA ASN B 187 29.50 -28.40 4.74
C ASN B 187 28.97 -27.06 4.20
N LYS B 188 27.75 -27.06 3.65
CA LYS B 188 27.07 -25.85 3.22
C LYS B 188 25.68 -25.72 3.93
N SER B 189 25.58 -26.28 5.14
CA SER B 189 24.32 -26.29 5.88
C SER B 189 23.83 -24.91 6.32
N PHE B 190 24.77 -24.04 6.72
CA PHE B 190 24.46 -22.65 7.08
C PHE B 190 23.62 -21.90 6.05
N LEU B 191 23.69 -22.27 4.78
CA LEU B 191 22.78 -21.69 3.77
C LEU B 191 21.30 -22.00 3.99
N TYR B 192 20.96 -23.16 4.58
CA TYR B 192 19.58 -23.49 4.93
C TYR B 192 19.06 -22.67 6.12
N GLU B 193 19.95 -22.04 6.87
CA GLU B 193 19.56 -21.13 7.94
C GLU B 193 19.09 -19.68 7.56
N ILE B 194 19.20 -19.22 6.32
CA ILE B 194 19.00 -17.78 5.96
C ILE B 194 17.54 -17.26 5.76
N VAL B 195 16.84 -17.82 4.78
CA VAL B 195 15.44 -17.48 4.44
C VAL B 195 14.40 -18.05 5.43
N SER B 196 14.59 -19.29 5.90
CA SER B 196 13.67 -19.88 6.90
C SER B 196 14.33 -20.92 7.81
N ASN B 197 14.63 -20.49 9.03
CA ASN B 197 15.53 -21.21 9.97
C ASN B 197 14.73 -22.15 10.86
N LYS B 198 14.79 -23.45 10.59
CA LYS B 198 14.09 -24.44 11.44
C LYS B 198 14.85 -24.59 12.74
N ARG B 199 16.19 -24.52 12.72
CA ARG B 199 16.98 -24.66 13.96
C ARG B 199 16.40 -23.72 15.05
N ASN B 200 16.19 -22.44 14.77
CA ASN B 200 15.67 -21.52 15.83
C ASN B 200 14.80 -20.35 15.42
N GLY B 201 14.45 -20.25 14.15
CA GLY B 201 13.58 -19.21 13.67
C GLY B 201 14.27 -17.89 13.42
N ILE B 202 15.60 -17.81 13.57
CA ILE B 202 16.25 -16.53 13.32
C ILE B 202 16.51 -16.46 11.83
N ASP B 203 15.54 -15.91 11.09
CA ASP B 203 15.58 -15.76 9.62
C ASP B 203 15.45 -14.30 9.18
N VAL B 204 15.88 -14.01 7.96
CA VAL B 204 15.80 -12.66 7.37
C VAL B 204 14.37 -12.34 6.91
N ASP B 205 13.51 -13.37 6.87
CA ASP B 205 12.09 -13.11 6.72
C ASP B 205 11.67 -12.10 7.81
N LYS B 206 11.96 -12.45 9.06
CA LYS B 206 11.58 -11.63 10.22
C LYS B 206 12.17 -10.28 10.12
N TRP B 207 13.43 -10.22 9.69
CA TRP B 207 14.08 -8.94 9.65
C TRP B 207 13.33 -8.02 8.72
N ASP B 208 13.01 -8.52 7.53
CA ASP B 208 12.27 -7.69 6.59
C ASP B 208 10.91 -7.28 7.12
N TYR B 209 10.12 -8.24 7.62
CA TYR B 209 8.77 -7.88 8.03
C TYR B 209 8.70 -6.99 9.23
N PHE B 210 9.66 -7.09 10.14
CA PHE B 210 9.69 -6.17 11.29
C PHE B 210 9.81 -4.74 10.84
N ALA B 211 10.77 -4.50 9.96
CA ALA B 211 11.12 -3.18 9.50
C ALA B 211 10.02 -2.60 8.67
N ARG B 212 9.44 -3.44 7.83
CA ARG B 212 8.48 -3.03 6.84
C ARG B 212 7.15 -2.82 7.46
N ASP B 213 6.74 -3.74 8.33
CA ASP B 213 5.43 -3.66 8.96
C ASP B 213 5.44 -2.47 9.91
N CYS B 214 6.50 -2.28 10.65
CA CYS B 214 6.61 -1.08 11.52
C CYS B 214 6.54 0.20 10.74
N HIS B 215 7.29 0.27 9.64
CA HIS B 215 7.26 1.43 8.76
C HIS B 215 5.86 1.84 8.40
N HIS B 216 5.06 0.87 7.98
CA HIS B 216 3.73 1.13 7.46
C HIS B 216 2.67 1.18 8.57
N LEU B 217 2.89 0.48 9.67
CA LEU B 217 1.93 0.50 10.76
C LEU B 217 1.93 1.78 11.54
N GLY B 218 3.11 2.39 11.64
CA GLY B 218 3.32 3.52 12.56
C GLY B 218 3.59 3.02 13.95
N ILE B 219 4.42 1.99 14.04
CA ILE B 219 5.06 1.58 15.27
C ILE B 219 6.53 1.59 14.96
N GLN B 220 7.37 1.78 15.98
CA GLN B 220 8.80 1.78 15.74
C GLN B 220 9.28 0.36 16.09
N ASN B 221 10.28 -0.04 15.30
CA ASN B 221 11.01 -1.28 15.48
C ASN B 221 12.06 -1.03 16.59
N ASN B 222 12.32 -2.03 17.42
CA ASN B 222 13.45 -1.95 18.34
C ASN B 222 14.65 -2.80 17.96
N PHE B 223 14.61 -3.47 16.79
CA PHE B 223 15.63 -4.53 16.45
C PHE B 223 16.50 -4.26 15.24
N ASP B 224 17.83 -4.32 15.43
CA ASP B 224 18.82 -3.92 14.41
C ASP B 224 19.40 -5.05 13.59
N TYR B 225 18.77 -5.41 12.49
CA TYR B 225 19.30 -6.50 11.66
C TYR B 225 20.72 -6.22 11.14
N LYS B 226 21.00 -4.98 10.76
CA LYS B 226 22.30 -4.63 10.22
C LYS B 226 23.40 -5.02 11.22
N ARG B 227 23.16 -4.82 12.51
CA ARG B 227 24.16 -5.11 13.52
C ARG B 227 24.40 -6.62 13.64
N PHE B 228 23.35 -7.41 13.46
CA PHE B 228 23.43 -8.85 13.68
C PHE B 228 24.34 -9.48 12.64
N ILE B 229 24.11 -9.09 11.40
CA ILE B 229 24.97 -9.45 10.28
C ILE B 229 26.42 -9.03 10.45
N LYS B 230 26.67 -7.87 11.02
CA LYS B 230 28.05 -7.47 11.26
C LYS B 230 28.72 -8.49 12.14
N PHE B 231 28.04 -9.04 13.15
CA PHE B 231 28.66 -10.02 14.06
C PHE B 231 28.44 -11.50 13.77
N ALA B 232 27.73 -11.85 12.69
CA ALA B 232 27.55 -13.27 12.32
C ALA B 232 28.86 -13.93 11.90
N ARG B 233 28.90 -15.25 11.94
CA ARG B 233 30.12 -16.08 11.68
C ARG B 233 29.68 -17.53 11.59
N VAL B 234 30.37 -18.33 10.79
CA VAL B 234 29.97 -19.72 10.62
C VAL B 234 30.96 -20.56 11.38
N CYS B 235 30.51 -21.48 12.23
CA CYS B 235 31.41 -22.32 13.07
C CYS B 235 31.01 -23.80 12.98
N GLU B 236 31.93 -24.75 13.25
CA GLU B 236 31.54 -26.19 13.35
C GLU B 236 30.73 -26.31 14.63
N VAL B 237 29.58 -26.97 14.51
CA VAL B 237 28.78 -27.37 15.65
C VAL B 237 28.25 -28.74 15.33
N ASP B 238 28.86 -29.77 15.92
CA ASP B 238 28.51 -31.16 15.65
C ASP B 238 28.60 -31.52 14.16
N ASN B 239 29.82 -31.51 13.60
CA ASN B 239 30.03 -31.91 12.19
C ASN B 239 28.96 -31.38 11.15
N GLU B 240 28.34 -30.26 11.50
CA GLU B 240 27.46 -29.47 10.63
C GLU B 240 27.92 -28.03 10.88
N LEU B 241 28.00 -27.24 9.81
CA LEU B 241 28.35 -25.83 9.91
C LEU B 241 27.16 -24.88 10.10
N ARG B 242 26.96 -24.43 11.33
CA ARG B 242 25.87 -23.52 11.66
C ARG B 242 26.34 -22.01 11.64
N ILE B 243 25.39 -21.08 11.50
CA ILE B 243 25.63 -19.65 11.75
C ILE B 243 25.67 -19.32 13.24
N CYS B 244 26.53 -18.40 13.63
CA CYS B 244 26.73 -18.05 15.02
C CYS B 244 26.80 -16.55 15.23
N ALA B 245 26.47 -16.14 16.44
CA ALA B 245 26.39 -14.75 16.81
C ALA B 245 27.44 -14.47 17.84
N ARG B 246 27.89 -13.23 17.94
CA ARG B 246 28.77 -12.89 19.04
C ARG B 246 28.07 -13.11 20.35
N ASP B 247 28.85 -13.37 21.39
CA ASP B 247 28.33 -13.63 22.71
C ASP B 247 27.51 -12.41 23.14
N LYS B 248 28.04 -11.21 22.92
CA LYS B 248 27.35 -10.00 23.32
C LYS B 248 25.98 -9.82 22.60
N GLU B 249 25.83 -10.24 21.35
CA GLU B 249 24.50 -10.18 20.70
C GLU B 249 23.33 -10.89 21.45
N VAL B 250 23.60 -11.85 22.32
CA VAL B 250 22.54 -12.68 22.94
C VAL B 250 21.41 -11.88 23.53
N GLY B 251 21.72 -10.78 24.22
CA GLY B 251 20.67 -9.90 24.73
C GLY B 251 19.73 -9.50 23.62
N ASN B 252 20.29 -9.01 22.52
CA ASN B 252 19.55 -8.55 21.37
C ASN B 252 18.70 -9.58 20.72
N LEU B 253 19.09 -10.83 20.84
CA LEU B 253 18.27 -11.92 20.30
C LEU B 253 17.04 -12.18 21.15
N TYR B 254 17.18 -12.23 22.47
CA TYR B 254 15.99 -12.31 23.27
C TYR B 254 15.06 -11.14 22.95
N ASP B 255 15.61 -9.95 22.73
CA ASP B 255 14.78 -8.80 22.43
C ASP B 255 14.00 -8.94 21.10
N MET B 256 14.61 -9.54 20.10
CA MET B 256 13.97 -9.72 18.75
C MET B 256 12.65 -10.53 18.87
N PHE B 257 12.74 -11.62 19.62
CA PHE B 257 11.60 -12.49 19.87
C PHE B 257 10.55 -11.81 20.72
N HIS B 258 10.97 -10.92 21.60
CA HIS B 258 10.06 -10.03 22.27
C HIS B 258 9.43 -9.06 21.28
N THR B 259 10.22 -8.24 20.59
CA THR B 259 9.71 -7.38 19.49
C THR B 259 8.60 -8.03 18.65
N ARG B 260 8.84 -9.29 18.29
CA ARG B 260 7.92 -10.06 17.50
C ARG B 260 6.58 -10.25 18.18
N ASN B 261 6.68 -10.72 19.41
CA ASN B 261 5.51 -10.99 20.25
C ASN B 261 4.75 -9.69 20.48
N SER B 262 5.53 -8.64 20.66
CA SER B 262 5.04 -7.30 20.79
C SER B 262 4.31 -6.88 19.55
N LEU B 263 4.83 -7.18 18.36
CA LEU B 263 4.10 -6.88 17.11
C LEU B 263 2.78 -7.59 17.03
N HIS B 264 2.73 -8.85 17.48
CA HIS B 264 1.48 -9.63 17.43
C HIS B 264 0.41 -9.13 18.34
N ARG B 265 0.81 -8.72 19.54
CA ARG B 265 -0.09 -8.10 20.49
C ARG B 265 -0.69 -6.84 19.89
N ARG B 266 0.14 -5.91 19.49
CA ARG B 266 -0.34 -4.62 19.04
C ARG B 266 -1.13 -4.64 17.73
N ALA B 267 -0.62 -5.44 16.78
CA ALA B 267 -1.03 -5.34 15.35
C ALA B 267 -1.52 -6.65 14.72
N TYR B 268 -0.70 -7.69 14.72
CA TYR B 268 -1.06 -8.87 13.95
C TYR B 268 -2.21 -9.70 14.51
N GLN B 269 -2.39 -9.67 15.84
CA GLN B 269 -3.57 -10.24 16.49
C GLN B 269 -4.49 -9.17 17.10
N HIS B 270 -4.53 -7.96 16.57
CA HIS B 270 -5.45 -6.95 17.06
C HIS B 270 -6.89 -7.52 17.09
N LYS B 271 -7.56 -7.42 18.24
CA LYS B 271 -8.92 -7.96 18.47
C LYS B 271 -9.86 -7.68 17.28
N VAL B 272 -9.78 -6.50 16.66
CA VAL B 272 -10.65 -6.12 15.53
C VAL B 272 -10.07 -6.53 14.17
N GLY B 273 -8.75 -6.47 14.02
CA GLY B 273 -8.15 -6.96 12.79
C GLY B 273 -8.57 -8.43 12.61
N ASN B 274 -8.57 -9.16 13.71
CA ASN B 274 -8.89 -10.56 13.69
C ASN B 274 -10.36 -10.82 13.34
N ILE B 275 -11.27 -10.04 13.91
CA ILE B 275 -12.69 -10.22 13.58
C ILE B 275 -13.02 -9.84 12.14
N ILE B 276 -12.26 -8.93 11.55
CA ILE B 276 -12.42 -8.61 10.13
C ILE B 276 -11.95 -9.77 9.30
N ASP B 277 -10.75 -10.30 9.59
CA ASP B 277 -10.27 -11.55 8.98
C ASP B 277 -11.37 -12.64 9.00
N THR B 278 -11.97 -12.85 10.17
CA THR B 278 -13.06 -13.81 10.37
C THR B 278 -14.34 -13.56 9.57
N MET B 279 -14.70 -12.30 9.45
CA MET B 279 -15.88 -11.93 8.67
C MET B 279 -15.70 -12.13 7.18
N ILE B 280 -14.51 -11.81 6.69
CA ILE B 280 -14.15 -12.08 5.32
C ILE B 280 -14.20 -13.60 5.10
N THR B 281 -13.52 -14.33 5.99
CA THR B 281 -13.49 -15.78 5.89
C THR B 281 -14.88 -16.39 5.85
N ASP B 282 -15.82 -15.87 6.63
CA ASP B 282 -17.21 -16.36 6.58
C ASP B 282 -17.86 -16.01 5.23
N ALA B 283 -17.69 -14.77 4.76
CA ALA B 283 -18.19 -14.40 3.44
C ALA B 283 -17.67 -15.30 2.33
N PHE B 284 -16.37 -15.65 2.37
CA PHE B 284 -15.79 -16.59 1.40
C PHE B 284 -16.50 -17.93 1.47
N LEU B 285 -16.68 -18.43 2.70
CA LEU B 285 -17.37 -19.68 2.88
C LEU B 285 -18.78 -19.59 2.28
N LYS B 286 -19.51 -18.51 2.56
CA LYS B 286 -20.84 -18.32 1.96
C LYS B 286 -20.75 -18.34 0.40
N ALA B 287 -19.69 -17.76 -0.15
CA ALA B 287 -19.48 -17.71 -1.62
C ALA B 287 -18.80 -18.91 -2.27
N ASP B 288 -18.22 -19.82 -1.48
CA ASP B 288 -17.27 -20.80 -2.03
C ASP B 288 -17.85 -21.79 -3.02
N ASP B 289 -19.05 -22.28 -2.71
CA ASP B 289 -19.74 -23.24 -3.56
C ASP B 289 -20.13 -22.60 -4.88
N TYR B 290 -20.31 -21.28 -4.90
CA TYR B 290 -20.91 -20.58 -6.03
C TYR B 290 -19.94 -19.72 -6.87
N ILE B 291 -18.61 -19.85 -6.72
CA ILE B 291 -17.62 -19.05 -7.51
C ILE B 291 -16.62 -19.95 -8.23
N GLU B 292 -16.70 -19.97 -9.58
CA GLU B 292 -15.84 -20.81 -10.43
C GLU B 292 -14.60 -20.01 -10.84
N ILE B 293 -13.41 -20.61 -10.71
CA ILE B 293 -12.14 -19.98 -11.10
C ILE B 293 -11.45 -20.83 -12.17
N THR B 294 -11.04 -20.23 -13.29
CA THR B 294 -10.69 -21.05 -14.45
C THR B 294 -9.24 -21.48 -14.42
N GLY B 295 -8.99 -22.78 -14.41
CA GLY B 295 -7.61 -23.33 -14.41
C GLY B 295 -7.15 -24.08 -15.66
N ALA B 296 -6.09 -24.87 -15.45
CA ALA B 296 -5.43 -25.72 -16.46
C ALA B 296 -6.40 -26.43 -17.43
N GLY B 297 -6.31 -26.05 -18.71
CA GLY B 297 -7.19 -26.56 -19.76
C GLY B 297 -8.67 -26.23 -19.62
N GLY B 298 -9.00 -25.07 -19.10
CA GLY B 298 -10.41 -24.70 -18.86
C GLY B 298 -11.15 -25.35 -17.69
N LYS B 299 -10.54 -26.27 -16.91
CA LYS B 299 -11.22 -26.88 -15.75
C LYS B 299 -11.60 -25.79 -14.71
N LYS B 300 -12.86 -25.77 -14.25
CA LYS B 300 -13.38 -24.78 -13.27
C LYS B 300 -13.08 -25.24 -11.81
N TYR B 301 -12.61 -24.35 -10.94
CA TYR B 301 -12.24 -24.68 -9.53
C TYR B 301 -12.97 -23.73 -8.60
N ARG B 302 -13.20 -24.14 -7.36
CA ARG B 302 -13.82 -23.26 -6.36
C ARG B 302 -12.70 -22.54 -5.57
N ILE B 303 -13.04 -21.55 -4.74
CA ILE B 303 -11.99 -20.80 -4.02
C ILE B 303 -11.15 -21.73 -3.16
N SER B 304 -11.78 -22.73 -2.56
CA SER B 304 -11.06 -23.64 -1.69
C SER B 304 -10.26 -24.72 -2.43
N THR B 305 -10.68 -25.11 -3.66
CA THR B 305 -9.95 -26.14 -4.45
C THR B 305 -8.88 -25.55 -5.35
N ALA B 306 -8.86 -24.22 -5.49
CA ALA B 306 -7.93 -23.55 -6.34
C ALA B 306 -6.51 -23.75 -5.93
N ILE B 307 -6.27 -24.05 -4.66
CA ILE B 307 -4.91 -24.40 -4.20
C ILE B 307 -4.35 -25.69 -4.77
N ASP B 308 -5.24 -26.50 -5.37
CA ASP B 308 -4.81 -27.66 -6.10
C ASP B 308 -4.46 -27.41 -7.58
N ASP B 309 -4.59 -26.19 -8.12
CA ASP B 309 -4.06 -25.91 -9.50
C ASP B 309 -3.44 -24.54 -9.66
N MET B 310 -2.11 -24.53 -9.86
CA MET B 310 -1.34 -23.30 -9.78
C MET B 310 -1.66 -22.32 -10.92
N GLU B 311 -2.15 -22.82 -12.06
CA GLU B 311 -2.74 -21.98 -13.11
C GLU B 311 -3.93 -21.18 -12.55
N ALA B 312 -4.82 -21.87 -11.85
CA ALA B 312 -5.98 -21.23 -11.26
C ALA B 312 -5.65 -20.43 -10.00
N TYR B 313 -4.72 -20.91 -9.19
CA TYR B 313 -4.32 -20.21 -7.96
C TYR B 313 -3.60 -18.90 -8.28
N THR B 314 -2.98 -18.80 -9.47
CA THR B 314 -2.39 -17.54 -9.96
C THR B 314 -3.44 -16.40 -9.98
N LYS B 315 -4.68 -16.76 -10.33
CA LYS B 315 -5.77 -15.79 -10.45
C LYS B 315 -6.38 -15.38 -9.10
N LEU B 316 -6.14 -16.19 -8.07
CA LEU B 316 -6.79 -16.00 -6.76
C LEU B 316 -6.04 -15.04 -5.90
N THR B 317 -6.59 -13.83 -5.75
CA THR B 317 -5.91 -12.73 -5.04
C THR B 317 -6.95 -11.96 -4.28
N ASP B 318 -6.54 -10.89 -3.60
CA ASP B 318 -7.49 -10.02 -2.85
C ASP B 318 -8.67 -9.51 -3.74
N ASN B 319 -8.48 -9.43 -5.06
CA ASN B 319 -9.56 -9.14 -6.02
C ASN B 319 -10.90 -9.75 -5.62
N ILE B 320 -10.86 -11.02 -5.23
CA ILE B 320 -12.04 -11.82 -4.98
C ILE B 320 -13.03 -11.23 -3.96
N PHE B 321 -12.50 -10.45 -3.03
CA PHE B 321 -13.25 -9.62 -2.07
C PHE B 321 -14.20 -8.68 -2.81
N LEU B 322 -13.64 -7.94 -3.75
CA LEU B 322 -14.44 -7.00 -4.57
C LEU B 322 -15.31 -7.73 -5.58
N GLU B 323 -14.79 -8.82 -6.18
CA GLU B 323 -15.57 -9.67 -7.09
C GLU B 323 -16.85 -9.99 -6.32
N ILE B 324 -16.73 -10.34 -5.04
CA ILE B 324 -17.93 -10.63 -4.25
C ILE B 324 -18.75 -9.39 -3.92
N LEU B 325 -18.17 -8.40 -3.24
CA LEU B 325 -18.92 -7.19 -2.85
C LEU B 325 -19.65 -6.51 -4.02
N TYR B 326 -18.98 -6.37 -5.16
CA TYR B 326 -19.56 -5.76 -6.36
C TYR B 326 -20.45 -6.71 -7.18
N SER B 327 -20.50 -7.99 -6.84
CA SER B 327 -21.43 -8.89 -7.52
C SER B 327 -22.89 -8.52 -7.33
N THR B 328 -23.73 -9.21 -8.11
CA THR B 328 -25.20 -9.06 -8.10
C THR B 328 -26.03 -10.39 -8.26
N ASP B 329 -25.36 -11.53 -8.35
CA ASP B 329 -26.03 -12.83 -8.44
C ASP B 329 -26.64 -13.15 -7.07
N PRO B 330 -27.92 -13.56 -7.04
CA PRO B 330 -28.52 -13.73 -5.72
C PRO B 330 -28.04 -14.92 -4.91
N LYS B 331 -27.41 -15.92 -5.53
CA LYS B 331 -26.82 -17.03 -4.74
C LYS B 331 -25.61 -16.56 -3.92
N LEU B 332 -25.14 -15.32 -4.18
CA LEU B 332 -24.20 -14.59 -3.30
C LEU B 332 -24.78 -13.47 -2.41
N LYS B 333 -26.10 -13.38 -2.21
CA LYS B 333 -26.68 -12.36 -1.28
C LYS B 333 -26.06 -12.56 0.10
N ASP B 334 -25.97 -13.82 0.54
CA ASP B 334 -25.29 -14.26 1.77
C ASP B 334 -23.99 -13.53 2.05
N ALA B 335 -23.01 -13.80 1.18
CA ALA B 335 -21.67 -13.34 1.35
C ALA B 335 -21.52 -11.82 1.13
N ARG B 336 -22.22 -11.30 0.13
CA ARG B 336 -22.19 -9.88 -0.18
C ARG B 336 -22.72 -9.06 1.01
N GLU B 337 -23.74 -9.58 1.71
CA GLU B 337 -24.35 -8.86 2.84
C GLU B 337 -23.37 -8.75 4.00
N ILE B 338 -22.58 -9.81 4.23
CA ILE B 338 -21.49 -9.74 5.22
C ILE B 338 -20.53 -8.62 4.87
N LEU B 339 -20.01 -8.67 3.66
CA LEU B 339 -18.97 -7.73 3.28
C LEU B 339 -19.47 -6.29 3.32
N LYS B 340 -20.75 -6.07 3.05
CA LYS B 340 -21.30 -4.74 3.22
C LYS B 340 -21.25 -4.36 4.72
N GLN B 341 -21.52 -5.31 5.61
CA GLN B 341 -21.43 -5.04 7.05
C GLN B 341 -20.01 -4.59 7.51
N ILE B 342 -18.97 -4.93 6.76
CA ILE B 342 -17.62 -4.40 7.00
C ILE B 342 -17.51 -2.95 6.50
N GLU B 343 -18.00 -2.71 5.26
CA GLU B 343 -17.96 -1.35 4.65
C GLU B 343 -18.65 -0.38 5.62
N TYR B 344 -19.81 -0.77 6.12
CA TYR B 344 -20.56 0.07 7.07
C TYR B 344 -19.99 0.00 8.50
N ARG B 345 -19.09 -0.94 8.76
CA ARG B 345 -18.48 -1.08 10.08
C ARG B 345 -19.50 -1.55 11.16
N ASN B 346 -20.42 -2.42 10.76
CA ASN B 346 -21.09 -3.32 11.71
C ASN B 346 -20.25 -4.54 11.86
N LEU B 347 -19.32 -4.49 12.78
CA LEU B 347 -18.53 -5.67 13.04
C LEU B 347 -19.25 -6.43 14.12
N PHE B 348 -18.90 -7.70 14.20
CA PHE B 348 -19.29 -8.50 15.32
C PHE B 348 -18.64 -7.86 16.50
N LYS B 349 -19.37 -7.71 17.59
CA LYS B 349 -18.89 -6.99 18.78
C LYS B 349 -17.98 -7.89 19.62
N TYR B 350 -16.86 -7.35 20.09
CA TYR B 350 -15.94 -8.04 20.98
C TYR B 350 -16.49 -8.04 22.39
N VAL B 351 -16.33 -9.17 23.07
CA VAL B 351 -16.92 -9.41 24.38
C VAL B 351 -15.83 -9.40 25.47
N GLY B 352 -14.74 -10.10 25.22
CA GLY B 352 -13.58 -10.02 26.12
C GLY B 352 -12.53 -11.08 25.82
N GLU B 353 -11.44 -11.01 26.59
CA GLU B 353 -10.30 -11.88 26.45
C GLU B 353 -10.16 -12.63 27.75
N THR B 354 -9.57 -13.83 27.69
CA THR B 354 -9.18 -14.60 28.92
C THR B 354 -8.09 -15.62 28.58
N GLN B 355 -7.53 -16.25 29.61
CA GLN B 355 -6.41 -17.18 29.46
C GLN B 355 -6.60 -18.44 30.27
N PRO B 356 -6.16 -19.61 29.76
CA PRO B 356 -6.10 -20.84 30.58
C PRO B 356 -5.11 -20.70 31.72
N THR B 357 -5.10 -21.71 32.59
CA THR B 357 -4.48 -21.64 33.91
C THR B 357 -3.84 -22.97 34.25
N GLY B 358 -2.87 -22.90 35.17
CA GLY B 358 -2.05 -24.05 35.54
C GLY B 358 -1.34 -24.59 34.30
N GLN B 359 -1.74 -25.79 33.90
CA GLN B 359 -1.13 -26.48 32.76
C GLN B 359 -2.27 -26.99 31.85
N ILE B 360 -3.22 -26.12 31.54
CA ILE B 360 -4.36 -26.46 30.65
C ILE B 360 -3.98 -25.92 29.26
N LYS B 361 -3.60 -26.78 28.31
CA LYS B 361 -3.46 -26.34 26.90
C LYS B 361 -4.85 -26.52 26.30
N ILE B 362 -5.10 -26.08 25.06
CA ILE B 362 -6.43 -26.24 24.41
C ILE B 362 -6.25 -26.84 23.03
N LYS B 363 -6.61 -28.13 22.88
CA LYS B 363 -6.38 -28.92 21.65
C LYS B 363 -7.01 -28.24 20.43
N ARG B 364 -6.28 -28.17 19.30
CA ARG B 364 -6.84 -27.63 18.03
C ARG B 364 -8.09 -28.47 17.64
N GLU B 365 -8.08 -29.77 18.00
CA GLU B 365 -9.29 -30.63 18.08
C GLU B 365 -10.57 -29.87 18.55
N ASP B 366 -10.46 -29.11 19.65
CA ASP B 366 -11.64 -28.55 20.40
C ASP B 366 -12.13 -27.13 20.07
N TYR B 367 -11.42 -26.42 19.20
CA TYR B 367 -11.77 -25.03 18.81
C TYR B 367 -13.24 -24.95 18.34
N GLU B 368 -13.62 -25.80 17.38
CA GLU B 368 -14.99 -25.85 16.86
C GLU B 368 -16.04 -25.97 17.96
N SER B 369 -15.74 -26.69 19.05
CA SER B 369 -16.74 -26.95 20.12
C SER B 369 -16.97 -25.82 21.10
N LEU B 370 -16.15 -24.77 21.06
CA LEU B 370 -16.12 -23.77 22.15
C LEU B 370 -17.33 -22.84 22.24
N PRO B 371 -17.86 -22.36 21.10
CA PRO B 371 -19.12 -21.63 21.24
C PRO B 371 -20.20 -22.45 22.01
N LYS B 372 -20.35 -23.74 21.73
CA LYS B 372 -21.34 -24.57 22.42
C LYS B 372 -21.16 -24.46 23.93
N GLU B 373 -19.91 -24.45 24.38
CA GLU B 373 -19.64 -24.30 25.82
C GLU B 373 -20.17 -22.98 26.39
N VAL B 374 -20.03 -21.91 25.61
CA VAL B 374 -20.39 -20.56 26.04
C VAL B 374 -21.92 -20.39 26.18
N ALA B 375 -22.75 -21.11 25.42
CA ALA B 375 -24.16 -21.23 25.81
C ALA B 375 -24.57 -22.52 26.63
N LYS B 386 -31.54 -15.90 26.76
CA LYS B 386 -31.10 -17.05 25.99
C LYS B 386 -30.49 -16.64 24.64
N LEU B 387 -29.17 -16.77 24.48
CA LEU B 387 -28.46 -16.76 23.16
C LEU B 387 -27.98 -18.17 22.70
N LYS B 388 -28.11 -18.46 21.40
CA LYS B 388 -27.65 -19.73 20.81
C LYS B 388 -26.13 -19.63 20.65
N ALA B 389 -25.44 -20.75 20.56
CA ALA B 389 -23.99 -20.75 20.31
C ALA B 389 -23.59 -20.50 18.83
N GLU B 390 -24.53 -20.68 17.90
CA GLU B 390 -24.38 -20.16 16.54
C GLU B 390 -23.99 -18.67 16.56
N ASP B 391 -24.39 -17.93 17.60
CA ASP B 391 -24.18 -16.48 17.76
C ASP B 391 -22.76 -16.05 18.17
N PHE B 392 -22.10 -16.89 18.98
CA PHE B 392 -20.73 -16.64 19.46
C PHE B 392 -19.64 -17.09 18.51
N ILE B 393 -18.54 -16.35 18.53
CA ILE B 393 -17.27 -16.76 17.94
C ILE B 393 -16.21 -16.77 19.01
N VAL B 394 -15.31 -17.73 18.94
CA VAL B 394 -14.31 -17.88 19.97
C VAL B 394 -13.04 -18.17 19.29
N ASP B 395 -12.07 -17.27 19.42
CA ASP B 395 -10.86 -17.31 18.61
C ASP B 395 -9.76 -17.64 19.57
N VAL B 396 -9.05 -18.73 19.34
CA VAL B 396 -7.96 -19.15 20.25
C VAL B 396 -6.61 -18.93 19.58
N ILE B 397 -5.79 -18.09 20.21
CA ILE B 397 -4.56 -17.61 19.62
C ILE B 397 -3.39 -18.13 20.41
N ASN B 398 -2.51 -18.91 19.78
CA ASN B 398 -1.27 -19.35 20.46
C ASN B 398 -0.20 -18.30 20.24
N MET B 399 0.50 -17.90 21.31
CA MET B 399 1.58 -16.89 21.31
C MET B 399 2.87 -17.50 21.84
N ASP B 400 3.88 -17.64 21.01
CA ASP B 400 5.11 -18.24 21.51
C ASP B 400 6.35 -17.45 21.04
N TYR B 401 7.54 -18.03 21.22
CA TYR B 401 8.77 -17.49 20.68
C TYR B 401 9.18 -18.36 19.49
N GLY B 402 8.20 -18.77 18.72
CA GLY B 402 8.43 -19.56 17.51
C GLY B 402 8.55 -21.07 17.65
N MET B 403 8.84 -21.60 18.83
CA MET B 403 9.14 -23.02 18.93
C MET B 403 8.26 -23.66 19.99
N GLN B 404 6.95 -23.44 19.85
CA GLN B 404 5.96 -23.81 20.85
C GLN B 404 6.54 -23.47 22.25
N GLU B 405 6.70 -24.48 23.10
CA GLU B 405 7.10 -24.33 24.47
C GLU B 405 8.60 -24.00 24.65
N LYS B 406 9.43 -24.32 23.64
CA LYS B 406 10.87 -24.13 23.74
C LYS B 406 11.35 -22.67 23.57
N ASN B 407 12.40 -22.37 24.32
CA ASN B 407 13.24 -21.17 24.17
C ASN B 407 14.13 -21.28 22.90
N PRO B 408 13.90 -20.44 21.88
CA PRO B 408 14.73 -20.60 20.72
C PRO B 408 16.19 -20.18 20.93
N ILE B 409 16.50 -19.38 21.95
CA ILE B 409 17.91 -19.00 22.21
C ILE B 409 18.71 -20.24 22.66
N ASP B 410 18.08 -21.12 23.43
CA ASP B 410 18.67 -22.43 23.71
C ASP B 410 19.01 -23.24 22.46
N HIS B 411 18.74 -22.75 21.24
CA HIS B 411 19.10 -23.42 19.96
C HIS B 411 19.86 -22.48 19.00
N VAL B 412 20.70 -21.64 19.60
CA VAL B 412 21.53 -20.66 18.91
C VAL B 412 22.97 -20.91 19.39
N SER B 413 23.94 -20.78 18.50
CA SER B 413 25.34 -21.01 18.87
C SER B 413 26.01 -19.64 18.87
N PHE B 414 26.74 -19.29 19.92
CA PHE B 414 27.42 -18.00 20.06
C PHE B 414 28.92 -18.18 19.97
N TYR B 415 29.69 -17.08 19.94
CA TYR B 415 31.16 -17.19 19.93
C TYR B 415 31.87 -15.99 20.55
N CYS B 416 33.03 -16.20 21.20
CA CYS B 416 33.77 -15.10 21.81
C CYS B 416 34.72 -14.41 20.88
N LYS B 417 35.04 -13.17 21.23
CA LYS B 417 36.09 -12.41 20.58
C LYS B 417 37.40 -13.22 20.63
N THR B 418 37.73 -13.80 21.78
CA THR B 418 39.02 -14.51 22.01
C THR B 418 39.25 -15.72 21.09
N ALA B 419 38.18 -16.49 20.90
CA ALA B 419 38.19 -17.80 20.23
C ALA B 419 37.02 -17.75 19.28
N PRO B 420 37.28 -17.21 18.07
CA PRO B 420 36.19 -16.93 17.11
C PRO B 420 35.64 -18.14 16.37
N ASN B 421 36.28 -19.29 16.51
CA ASN B 421 35.79 -20.53 15.90
C ASN B 421 35.18 -21.45 16.91
N ARG B 422 35.68 -21.43 18.16
CA ARG B 422 35.05 -22.13 19.27
C ARG B 422 33.69 -21.49 19.58
N ALA B 423 32.64 -22.21 19.15
CA ALA B 423 31.26 -21.88 19.42
C ALA B 423 30.93 -22.32 20.82
N ILE B 424 29.81 -21.84 21.33
CA ILE B 424 29.35 -22.13 22.70
C ILE B 424 27.83 -22.01 22.80
N ARG B 425 27.26 -22.44 23.92
CA ARG B 425 25.81 -22.31 24.21
C ARG B 425 25.67 -21.21 25.28
N ILE B 426 24.52 -20.50 25.32
CA ILE B 426 24.25 -19.60 26.46
C ILE B 426 22.81 -19.74 26.99
N THR B 427 22.69 -20.36 28.16
CA THR B 427 21.41 -20.59 28.80
C THR B 427 20.82 -19.30 29.37
N LYS B 428 19.49 -19.27 29.60
CA LYS B 428 18.76 -18.00 29.99
C LYS B 428 19.37 -17.33 31.21
N ASN B 429 19.82 -18.16 32.16
CA ASN B 429 20.35 -17.66 33.45
C ASN B 429 21.73 -17.02 33.46
N GLN B 430 22.42 -17.13 32.33
CA GLN B 430 23.61 -16.34 32.08
C GLN B 430 23.29 -15.03 31.40
N VAL B 431 22.02 -14.68 31.28
CA VAL B 431 21.66 -13.45 30.60
C VAL B 431 20.92 -12.50 31.53
N SER B 432 19.81 -12.96 32.16
CA SER B 432 18.98 -12.10 32.99
C SER B 432 17.97 -12.91 33.79
N GLN B 433 17.39 -12.31 34.83
CA GLN B 433 16.18 -12.81 35.53
C GLN B 433 14.86 -12.09 35.12
N LEU B 434 15.01 -11.13 34.20
CA LEU B 434 13.89 -10.32 33.69
C LEU B 434 13.40 -10.84 32.35
N LEU B 435 13.92 -11.98 31.93
CA LEU B 435 13.41 -12.70 30.78
C LEU B 435 12.23 -13.58 31.20
N PRO B 436 11.42 -14.07 30.23
CA PRO B 436 10.16 -14.74 30.56
C PRO B 436 10.31 -16.12 31.24
N GLU B 437 9.45 -16.45 32.22
CA GLU B 437 9.48 -17.83 32.84
C GLU B 437 8.93 -18.90 31.87
N LYS B 438 7.82 -18.61 31.16
CA LYS B 438 7.22 -19.50 30.14
C LYS B 438 7.58 -18.90 28.72
N PHE B 439 7.63 -19.71 27.65
CA PHE B 439 7.81 -19.16 26.27
C PHE B 439 6.64 -19.33 25.31
N ALA B 440 5.47 -19.66 25.87
CA ALA B 440 4.27 -19.81 25.06
C ALA B 440 3.01 -19.74 25.90
N GLU B 441 1.97 -19.09 25.40
CA GLU B 441 0.69 -18.95 26.12
C GLU B 441 -0.48 -19.01 25.14
N GLN B 442 -1.70 -19.13 25.67
CA GLN B 442 -2.90 -19.08 24.84
C GLN B 442 -3.76 -17.88 25.21
N LEU B 443 -4.46 -17.37 24.21
CA LEU B 443 -5.35 -16.24 24.38
C LEU B 443 -6.65 -16.57 23.74
N ILE B 444 -7.73 -16.46 24.51
CA ILE B 444 -9.04 -16.83 24.05
C ILE B 444 -9.87 -15.58 24.00
N ARG B 445 -10.56 -15.35 22.88
CA ARG B 445 -11.35 -14.14 22.70
C ARG B 445 -12.69 -14.43 22.15
N VAL B 446 -13.68 -13.86 22.79
CA VAL B 446 -15.03 -14.15 22.47
C VAL B 446 -15.59 -12.92 21.80
N TYR B 447 -16.22 -13.12 20.66
CA TYR B 447 -16.97 -12.06 20.01
C TYR B 447 -18.39 -12.59 19.88
N CYS B 448 -19.35 -11.69 19.70
CA CYS B 448 -20.74 -12.04 19.51
C CYS B 448 -21.27 -11.48 18.19
N LYS B 449 -22.00 -12.31 17.44
CA LYS B 449 -22.47 -11.91 16.11
C LYS B 449 -23.74 -11.06 16.18
N LYS B 450 -24.53 -11.18 17.27
CA LYS B 450 -25.74 -10.31 17.53
C LYS B 450 -25.27 -9.04 18.27
N VAL B 451 -25.55 -7.87 17.69
CA VAL B 451 -24.77 -6.64 18.03
C VAL B 451 -25.35 -5.66 19.03
N ASP B 452 -26.67 -5.69 19.27
CA ASP B 452 -27.31 -4.70 20.13
C ASP B 452 -26.94 -4.82 21.65
N ARG B 453 -27.35 -3.79 22.42
CA ARG B 453 -27.04 -3.69 23.84
C ARG B 453 -27.76 -4.81 24.65
N LYS B 454 -29.02 -5.15 24.34
CA LYS B 454 -29.67 -6.29 25.02
C LYS B 454 -28.80 -7.53 24.81
N SER B 455 -28.39 -7.78 23.55
CA SER B 455 -27.61 -8.98 23.17
C SER B 455 -26.27 -9.02 23.86
N LEU B 456 -25.52 -7.94 23.65
CA LEU B 456 -24.12 -7.88 24.00
C LEU B 456 -23.93 -7.99 25.54
N TYR B 457 -24.89 -7.53 26.33
CA TYR B 457 -24.87 -7.73 27.78
C TYR B 457 -24.93 -9.20 28.09
N ALA B 458 -25.84 -9.89 27.41
CA ALA B 458 -26.03 -11.32 27.61
C ALA B 458 -24.71 -12.06 27.33
N ALA B 459 -24.15 -11.80 26.16
CA ALA B 459 -22.88 -12.37 25.81
C ALA B 459 -21.86 -12.14 26.93
N ARG B 460 -21.79 -10.91 27.44
CA ARG B 460 -20.86 -10.58 28.53
C ARG B 460 -21.13 -11.32 29.83
N GLN B 461 -22.36 -11.75 30.11
CA GLN B 461 -22.60 -12.57 31.31
C GLN B 461 -22.26 -14.02 31.07
N TYR B 462 -22.70 -14.57 29.94
CA TYR B 462 -22.31 -15.94 29.52
C TYR B 462 -20.79 -16.09 29.60
N PHE B 463 -20.08 -15.27 28.82
CA PHE B 463 -18.63 -15.29 28.75
C PHE B 463 -17.93 -15.22 30.10
N VAL B 464 -18.32 -14.30 30.97
CA VAL B 464 -17.64 -14.23 32.29
C VAL B 464 -17.96 -15.47 33.14
N GLN B 465 -19.19 -16.00 33.10
CA GLN B 465 -19.44 -17.26 33.85
C GLN B 465 -18.63 -18.40 33.24
N TRP B 466 -18.57 -18.45 31.92
CA TRP B 466 -17.73 -19.44 31.24
C TRP B 466 -16.30 -19.43 31.79
N CYS B 467 -15.67 -18.26 31.93
CA CYS B 467 -14.31 -18.16 32.47
C CYS B 467 -14.22 -18.73 33.85
N ALA B 468 -15.20 -18.40 34.69
CA ALA B 468 -15.24 -18.89 36.07
C ALA B 468 -15.45 -20.41 36.12
N ASP B 469 -16.24 -20.94 35.20
CA ASP B 469 -16.48 -22.38 35.12
C ASP B 469 -15.22 -23.14 34.73
N ARG B 470 -14.49 -22.66 33.73
CA ARG B 470 -13.25 -23.30 33.27
C ARG B 470 -12.01 -22.99 34.11
N ASN B 471 -12.16 -22.22 35.19
CA ASN B 471 -11.04 -21.65 35.97
C ASN B 471 -9.98 -20.98 35.07
N PHE B 472 -10.49 -20.10 34.20
CA PHE B 472 -9.68 -19.19 33.41
C PHE B 472 -9.51 -17.89 34.21
N THR B 473 -8.70 -16.95 33.71
CA THR B 473 -8.42 -15.68 34.38
C THR B 473 -9.65 -14.77 34.43
N LYS B 474 -9.77 -13.92 35.48
CA LYS B 474 -10.80 -12.84 35.51
C LYS B 474 -10.44 -11.94 34.31
N PRO B 475 -11.38 -11.72 33.38
CA PRO B 475 -11.12 -10.81 32.28
C PRO B 475 -10.75 -9.42 32.75
N GLN B 476 -9.83 -8.74 32.07
CA GLN B 476 -9.31 -7.43 32.52
C GLN B 476 -10.44 -6.49 32.94
N ASP B 477 -11.44 -6.43 32.07
CA ASP B 477 -12.69 -5.65 32.23
C ASP B 477 -13.80 -6.34 33.05
N GLY B 478 -13.47 -7.43 33.75
CA GLY B 478 -14.45 -8.42 34.24
C GLY B 478 -15.38 -7.95 35.35
N ASP B 479 -14.85 -7.24 36.33
CA ASP B 479 -15.66 -6.59 37.40
C ASP B 479 -16.66 -5.56 36.88
N VAL B 480 -16.28 -4.86 35.81
CA VAL B 480 -17.07 -3.79 35.18
C VAL B 480 -18.17 -4.34 34.26
N ILE B 481 -17.85 -5.28 33.38
CA ILE B 481 -18.87 -5.89 32.51
C ILE B 481 -19.74 -6.95 33.20
N ALA B 482 -19.22 -7.56 34.26
CA ALA B 482 -19.94 -8.62 34.95
C ALA B 482 -19.92 -8.46 36.50
N PRO B 483 -20.56 -7.39 37.00
CA PRO B 483 -20.50 -7.06 38.41
C PRO B 483 -21.08 -8.14 39.29
N LEU B 484 -22.16 -8.78 38.84
CA LEU B 484 -22.81 -9.82 39.63
C LEU B 484 -22.19 -11.21 39.44
N ILE B 485 -21.09 -11.36 38.71
CA ILE B 485 -20.52 -12.70 38.49
C ILE B 485 -19.11 -12.91 39.05
N THR B 486 -18.32 -11.84 39.18
CA THR B 486 -16.93 -12.01 39.62
C THR B 486 -16.78 -12.21 41.18
N PRO B 487 -17.84 -11.97 41.96
CA PRO B 487 -17.88 -12.59 43.30
C PRO B 487 -18.19 -14.10 43.33
N GLN B 488 -18.72 -14.69 42.24
CA GLN B 488 -18.87 -16.19 42.13
C GLN B 488 -17.54 -16.90 42.45
N LYS B 489 -16.43 -16.35 41.95
CA LYS B 489 -15.08 -16.89 42.18
C LYS B 489 -14.31 -16.18 43.33
N LYS B 490 -14.15 -16.91 44.46
CA LYS B 490 -13.17 -16.58 45.53
C LYS B 490 -11.76 -16.36 44.93
N GLU B 491 -11.32 -17.34 44.13
CA GLU B 491 -10.07 -17.28 43.36
C GLU B 491 -9.82 -15.93 42.65
N TRP B 492 -10.89 -15.13 42.39
CA TRP B 492 -10.80 -13.67 42.10
C TRP B 492 -11.41 -12.88 43.27
FE FE C . -5.91 15.44 -2.53
MN MN D . -7.79 16.58 -5.41
MG MG E . -4.71 21.12 -5.37
MG MG F . -13.15 1.63 18.74
PG 0KX G . -1.82 19.74 -6.80
O1G 0KX G . -0.42 19.83 -6.27
O2G 0KX G . -1.81 19.53 -8.30
O3G 0KX G . -2.76 20.86 -6.32
PB 0KX G . -4.01 17.93 -6.58
O1B 0KX G . -5.10 18.99 -6.58
O2B 0KX G . -3.72 17.22 -7.86
O3B 0KX G . -2.57 18.48 -6.14
PA 0KX G . -4.81 15.41 -5.35
O1A 0KX G . -6.16 15.32 -6.00
O2A 0KX G . -4.63 14.85 -3.96
N3A 0KX G . -4.17 16.89 -5.35
O5' 0KX G . -3.73 14.71 -6.28
C5' 0KX G . -2.32 14.86 -5.94
C4' 0KX G . -1.70 13.49 -5.85
O4' 0KX G . -1.69 12.94 -7.16
C3' 0KX G . -0.27 13.43 -5.33
O3' 0KX G . -0.17 12.41 -4.35
C2' 0KX G . 0.57 13.06 -6.56
C1' 0KX G . -0.43 12.40 -7.48
N1 0KX G . -0.22 12.67 -8.92
C2 0KX G . 0.06 11.61 -9.81
N3 0KX G . 0.27 11.88 -11.12
C4 0KX G . 0.19 13.14 -11.56
C5 0KX G . -0.12 14.22 -10.68
C6 0KX G . -0.31 13.94 -9.38
O2 0KX G . 0.11 10.45 -9.39
N4 0KX G . 0.39 13.34 -12.85
C1 CZF H . -9.54 1.76 13.31
C2 CZF H . -13.61 2.93 11.41
C3 CZF H . -9.97 2.85 14.29
C4 CZF H . -10.69 2.07 15.42
C5 CZF H . -11.31 2.30 11.50
C6 CZF H . -10.19 0.63 15.21
C7 CZF H . -11.23 2.32 10.11
C8 CZF H . -11.09 -0.49 15.68
C9 CZF H . -12.35 2.65 9.33
C10 CZF H . -9.27 1.77 10.82
N1 CZF H . -13.52 2.94 10.04
N2 CZF H . -12.49 2.61 12.13
N3 CZF H . -9.93 1.98 9.71
N4 CZF H . -10.04 1.94 11.95
O1 CZF H . -14.67 3.18 11.96
O2 CZF H . -8.85 3.61 14.68
O3 CZF H . -10.51 2.62 16.73
O4 CZF H . -10.02 0.51 13.78
O5 CZF H . -12.33 -0.52 14.91
O6 CZF H . -12.37 2.68 8.10
O7 CZF H . -14.09 -1.46 16.25
O8 CZF H . -14.71 0.21 14.49
O9 CZF H . -13.47 0.98 16.61
O10 CZF H . -15.81 -1.11 17.98
O11 CZF H . -14.36 -3.12 18.07
O12 CZF H . -13.31 -0.80 18.57
O13 CZF H . -16.76 1.04 17.48
O14 CZF H . -15.13 0.84 19.42
O15 CZF H . -17.44 -0.09 19.67
P1 CZF H . -13.72 -0.07 15.57
P2 CZF H . -14.31 -1.66 17.81
P3 CZF H . -16.33 0.24 18.71
PG DTP I . 17.34 3.07 -16.73
O1G DTP I . 17.07 4.05 -17.84
O2G DTP I . 18.69 3.05 -16.13
O3G DTP I . 16.78 1.74 -17.11
PB DTP I . 15.09 3.02 -14.85
O1B DTP I . 15.09 1.53 -15.09
O2B DTP I . 13.82 3.79 -15.19
O3B DTP I . 16.47 3.62 -15.48
PA DTP I . 15.28 4.58 -12.44
O1A DTP I . 16.59 5.12 -11.99
O2A DTP I . 14.26 5.51 -12.98
O3A DTP I . 15.53 3.25 -13.31
O5' DTP I . 14.47 4.00 -11.18
C5' DTP I . 14.95 2.89 -10.42
C4' DTP I . 14.25 2.82 -9.07
O4' DTP I . 14.55 4.02 -8.37
C3' DTP I . 12.75 2.76 -9.19
O3' DTP I . 12.26 1.90 -8.15
C2' DTP I . 12.32 4.20 -9.03
C1' DTP I . 13.43 4.86 -8.21
N9 DTP I . 13.90 6.26 -8.53
C8 DTP I . 13.91 6.89 -9.72
N7 DTP I . 14.40 8.13 -9.58
C5 DTP I . 14.73 8.30 -8.31
C6 DTP I . 15.29 9.38 -7.50
N6 DTP I . 15.62 10.52 -8.09
N1 DTP I . 15.47 9.22 -6.18
C2 DTP I . 15.16 8.04 -5.59
N3 DTP I . 14.62 7.00 -6.27
C4 DTP I . 14.40 7.06 -7.61
PG DTP J . -11.56 0.49 21.62
O1G DTP J . -12.67 0.10 20.65
O2G DTP J . -11.43 -0.55 22.72
O3G DTP J . -11.49 1.96 21.98
PB DTP J . -9.93 0.06 19.22
O1B DTP J . -9.62 -1.43 19.03
O2B DTP J . -11.11 0.71 18.50
O3B DTP J . -10.15 0.46 20.78
PA DTP J . -7.10 0.58 19.29
O1A DTP J . -6.67 1.58 20.34
O2A DTP J . -6.75 -0.86 19.58
O3A DTP J . -8.62 0.89 18.87
O5' DTP J . -6.48 0.98 17.86
C5' DTP J . -6.82 2.26 17.29
C4' DTP J . -5.77 2.76 16.33
O4' DTP J . -4.46 2.71 16.89
C3' DTP J . -5.80 1.88 15.08
O3' DTP J . -5.55 2.58 13.87
C2' DTP J . -4.62 0.96 15.25
C1' DTP J . -3.69 1.67 16.22
N9 DTP J . -3.11 0.84 17.31
C8 DTP J . -3.65 -0.16 18.06
N7 DTP J . -2.77 -0.60 18.99
C5 DTP J . -1.68 0.14 18.84
C6 DTP J . -0.38 0.24 19.50
N6 DTP J . -0.18 -0.62 20.50
N1 DTP J . 0.54 1.15 19.09
C2 DTP J . 0.25 1.98 18.05
N3 DTP J . -0.93 1.98 17.37
C4 DTP J . -1.90 1.08 17.73
FE FE K . 7.77 -14.09 4.49
MN MN L . 6.51 -17.20 4.78
MG MG M . 9.74 -18.03 9.73
MG MG N . 15.46 -0.07 -16.18
PG 0KX O . 7.47 -16.24 11.43
O1G 0KX O . 8.24 -15.14 12.10
O2G 0KX O . 6.18 -16.54 12.17
O3G 0KX O . 8.29 -17.50 11.08
PB 0KX O . 6.62 -16.50 8.71
O1B 0KX O . 7.59 -17.65 8.55
O2B 0KX O . 5.15 -16.74 8.95
O3B 0KX O . 7.09 -15.67 10.00
PA 0KX O . 5.65 -14.71 6.59
O1A 0KX O . 4.92 -15.70 5.71
O2A 0KX O . 6.43 -13.61 5.93
N3A 0KX O . 6.74 -15.32 7.62
O5' 0KX O . 4.58 -14.16 7.66
C5' 0KX O . 4.94 -13.08 8.52
C4' 0KX O . 4.15 -11.86 8.10
O4' 0KX O . 2.75 -12.17 8.23
C3' 0KX O . 4.38 -10.58 8.89
O3' 0KX O . 4.25 -9.46 8.00
C2' 0KX O . 3.27 -10.60 9.92
C1' 0KX O . 2.14 -11.29 9.16
N1 0KX O . 1.24 -12.10 9.99
C2 0KX O . -0.14 -11.81 10.03
N3 0KX O . -0.93 -12.59 10.81
C4 0KX O . -0.42 -13.61 11.50
C5 0KX O . 0.97 -13.93 11.45
C6 0KX O . 1.75 -13.14 10.69
O2 0KX O . -0.62 -10.88 9.36
N4 0KX O . -1.25 -14.32 12.23
C1 CZF P . 11.08 -0.53 -11.25
C2 CZF P . 10.63 -4.75 -13.07
C3 CZF P . 12.57 -0.86 -11.31
C4 CZF P . 12.98 -0.39 -12.71
C5 CZF P . 10.17 -2.92 -11.63
C6 CZF P . 11.93 0.70 -12.99
C7 CZF P . 9.16 -3.65 -11.01
C8 CZF P . 11.80 1.11 -14.43
C9 CZF P . 8.85 -4.96 -11.41
C10 CZF P . 9.24 -1.74 -10.03
N1 CZF P . 9.63 -5.45 -12.45
N2 CZF P . 10.88 -3.46 -12.64
N3 CZF P . 8.60 -2.88 -10.00
N4 CZF P . 10.21 -1.68 -10.99
O1 CZF P . 11.27 -5.25 -13.97
O2 CZF P . 13.30 -0.19 -10.31
O3 CZF P . 14.29 0.14 -12.75
O4 CZF P . 10.71 0.08 -12.49
O5 CZF P . 11.29 -0.03 -15.17
O6 CZF P . 7.97 -5.67 -10.95
O7 CZF P . 12.03 0.39 -17.52
O8 CZF P . 11.26 -1.91 -16.79
O9 CZF P . 13.51 -0.95 -15.95
O10 CZF P . 13.60 -0.41 -19.22
O11 CZF P . 12.67 1.99 -19.38
O12 CZF P . 14.39 1.33 -17.57
O13 CZF P . 14.80 -2.67 -19.19
O14 CZF P . 15.96 -0.56 -18.48
O15 CZF P . 15.39 -0.87 -20.89
P1 CZF P . 12.08 -0.73 -16.37
P2 CZF P . 13.22 0.95 -18.43
P3 CZF P . 15.01 -1.19 -19.46
#